data_8D0A
#
_entry.id   8D0A
#
_cell.length_a   42.229
_cell.length_b   71.647
_cell.length_c   148.456
_cell.angle_alpha   90
_cell.angle_beta   94.31
_cell.angle_gamma   90
#
_symmetry.space_group_name_H-M   'P 1 21 1'
#
loop_
_entity.id
_entity.type
_entity.pdbx_description
1 polymer 'Ubiquitin carboxyl-terminal hydrolase 30'
2 polymer 'mouse anti-huUSP30 Fab heavy chain'
3 polymer 'mouse anti-huUSP30 Fab light chain'
4 non-polymer ~{N}-[(1~{R},2~{R},4~{S},7~{E})-7-[azanyl(sulfanyl)methylidene]-7$l^{4}-azabicyclo[2.2.1]heptan-2-yl]-2-chloranyl-4-(6-cyclopropylpyrazin-2-yl)benzamide
5 non-polymer 'ZINC ION'
6 water water
#
loop_
_entity_poly.entity_id
_entity_poly.type
_entity_poly.pdbx_seq_one_letter_code
_entity_poly.pdbx_strand_id
1 'polypeptide(L)'
;MKGLVPGLVNLGNTCFMNSLLQGLSACPAFIRWLEEFTSQYSRDQKEPPSHQYLSLTLLHLLKALSCQEVTDDEVLDASC
LLDVLRMYRWQISSFEEQDAHELFHVITSSLEDERDGSGSHWKSQHPFHGRLTSNMVCKHCEHQSPVRFDTFDSLSLSIP
AATWGHPLTLDHCLHHFISSESVRDVVCDNCTKIEAKGTLNGEKVEHQRTTFVKQLKLGKLPQCLCIHLQRLSWSSHGTP
LKRHEHVQFNEDLSMDEYKYHSNASTYLFRLMAVVVHHGDMHSGHFVTYRRSPPSARNPLSTSNQWLWVSDDTVRKASLQ
EVLSSSAYLLFYERVLEVLFQGPHHHHHH
;
A
2 'polypeptide(L)'
;EVQLQQSGAELVRPGASVKLSCTGSGFNIKDTYMHWVKQRPEQGLEWIGRIDPANGNTKYDPKFQGKATMTADTSSNTAY
LQLSSLTSEDTAVYYCARPDGYYGDYWGQGTTLTVSSAKTTAPSVYPLAPVCGDTTGSSVTLGCLVKGYFPEPVTLTWNS
GSLSSGVHTFPAVLQSDLYTLSSSVTVTSSTWPSQSITCNVAHPASSTKVDKKIGGHHHHHH
;
H
3 'polypeptide(L)'
;DIVMTQSQKFMSTSVGDRVSVTCKASQNVGTNVAWYQQKPGQSPKALIYSASYRYSGVPDRFTGSGSGTDFTLTISNVQS
EDLAEYFCQQYNSFPLTFGAGTKLELKRADAAPTVSIFPPSSEQLTSGGASVVCFLNNFYPKDINVKWKIDGSERQNGVL
NSWTDQDSKDSTYSMSSTLTLTKDEYERHNSYTCEATHKTSTSPIVKSFNRNEC
;
L
#
# COMPACT_ATOMS: atom_id res chain seq x y z
N LEU A 4 17.01 -32.89 -16.06
CA LEU A 4 17.20 -34.31 -15.82
C LEU A 4 17.71 -34.60 -14.41
N VAL A 5 16.86 -34.36 -13.40
CA VAL A 5 17.15 -34.80 -12.04
C VAL A 5 16.43 -36.11 -11.81
N PRO A 6 16.96 -37.00 -10.95
CA PRO A 6 16.26 -38.25 -10.67
C PRO A 6 14.93 -38.00 -9.96
N GLY A 7 13.94 -38.81 -10.29
CA GLY A 7 12.68 -38.80 -9.56
C GLY A 7 12.78 -39.62 -8.29
N LEU A 8 11.70 -39.62 -7.53
CA LEU A 8 11.60 -40.39 -6.30
C LEU A 8 10.30 -41.16 -6.29
N VAL A 9 10.39 -42.46 -6.02
CA VAL A 9 9.20 -43.30 -5.99
C VAL A 9 8.30 -42.89 -4.83
N ASN A 10 7.01 -42.79 -5.11
CA ASN A 10 5.99 -42.54 -4.09
C ASN A 10 4.85 -43.50 -4.34
N LEU A 11 4.64 -44.43 -3.42
CA LEU A 11 3.46 -45.27 -3.41
C LEU A 11 2.75 -45.03 -2.09
N GLY A 12 1.60 -44.37 -2.15
CA GLY A 12 0.83 -44.12 -0.95
C GLY A 12 1.22 -42.86 -0.18
N ASN A 13 2.01 -43.03 0.87
CA ASN A 13 2.05 -42.08 1.98
C ASN A 13 3.28 -41.19 2.00
N THR A 14 4.12 -41.20 0.98
CA THR A 14 5.48 -40.67 1.11
C THR A 14 5.78 -39.53 0.13
N CYS A 15 4.88 -38.77 -0.49
CA CYS A 15 5.06 -37.61 -1.35
C CYS A 15 5.63 -36.36 -0.63
N PHE A 16 5.10 -36.20 0.75
CA PHE A 16 5.56 -35.02 1.48
C PHE A 16 7.06 -35.09 1.77
N MET A 17 7.63 -36.29 1.89
CA MET A 17 9.07 -36.41 2.05
C MET A 17 9.79 -36.13 0.75
N ASN A 18 9.30 -36.71 -0.35
CA ASN A 18 9.95 -36.52 -1.65
C ASN A 18 10.03 -35.05 -2.02
N SER A 19 8.92 -34.33 -1.86
CA SER A 19 8.91 -32.92 -2.22
C SER A 19 9.91 -32.12 -1.39
N LEU A 20 10.01 -32.43 -0.09
CA LEU A 20 10.98 -31.73 0.76
C LEU A 20 12.40 -32.10 0.36
N LEU A 21 12.66 -33.38 0.07
CA LEU A 21 13.99 -33.79 -0.34
C LEU A 21 14.43 -33.04 -1.59
N GLN A 22 13.55 -32.95 -2.59
CA GLN A 22 13.87 -32.20 -3.79
C GLN A 22 14.11 -30.73 -3.48
N GLY A 23 13.49 -30.21 -2.43
CA GLY A 23 13.77 -28.86 -1.98
C GLY A 23 15.14 -28.74 -1.34
N LEU A 24 15.38 -29.54 -0.29
CA LEU A 24 16.68 -29.52 0.38
C LEU A 24 17.82 -29.76 -0.58
N SER A 25 17.60 -30.60 -1.60
CA SER A 25 18.63 -30.87 -2.59
C SER A 25 18.97 -29.65 -3.43
N ALA A 26 18.10 -28.64 -3.48
CA ALA A 26 18.36 -27.45 -4.27
C ALA A 26 19.22 -26.44 -3.55
N CYS A 27 19.54 -26.67 -2.27
CA CYS A 27 20.34 -25.75 -1.48
C CYS A 27 21.75 -26.31 -1.36
N PRO A 28 22.72 -25.84 -2.15
CA PRO A 28 24.07 -26.41 -2.08
C PRO A 28 24.72 -26.26 -0.72
N ALA A 29 24.46 -25.15 -0.02
CA ALA A 29 25.06 -24.95 1.30
C ALA A 29 24.64 -26.04 2.28
N PHE A 30 23.43 -26.58 2.14
CA PHE A 30 23.01 -27.68 2.98
C PHE A 30 23.77 -28.96 2.63
N ILE A 31 24.04 -29.17 1.35
CA ILE A 31 24.80 -30.34 0.92
C ILE A 31 26.26 -30.20 1.31
N ARG A 32 26.81 -28.98 1.18
CA ARG A 32 28.18 -28.77 1.62
C ARG A 32 28.31 -28.89 3.13
N TRP A 33 27.29 -28.45 3.89
CA TRP A 33 27.33 -28.64 5.33
C TRP A 33 27.34 -30.13 5.67
N LEU A 34 26.51 -30.92 4.99
CA LEU A 34 26.46 -32.36 5.24
C LEU A 34 27.77 -33.03 4.84
N GLU A 35 28.28 -32.72 3.64
CA GLU A 35 29.60 -33.20 3.25
C GLU A 35 30.64 -32.85 4.31
N GLU A 36 30.58 -31.61 4.80
CA GLU A 36 31.43 -31.16 5.90
C GLU A 36 31.10 -31.88 7.20
N PHE A 37 29.84 -31.80 7.63
CA PHE A 37 29.42 -32.35 8.91
C PHE A 37 29.76 -33.84 9.05
N THR A 38 29.44 -34.64 8.04
CA THR A 38 29.69 -36.07 8.13
C THR A 38 31.18 -36.40 8.14
N SER A 39 32.01 -35.52 7.59
CA SER A 39 33.46 -35.71 7.60
C SER A 39 34.13 -34.98 8.75
N GLN A 40 33.35 -34.33 9.62
CA GLN A 40 33.88 -33.38 10.59
C GLN A 40 34.24 -34.12 11.87
N TYR A 41 35.53 -34.22 12.15
CA TYR A 41 36.01 -34.93 13.33
C TYR A 41 37.15 -34.14 13.96
N SER A 42 37.43 -34.43 15.23
CA SER A 42 38.52 -33.80 15.95
C SER A 42 39.60 -34.83 16.28
N ARG A 43 40.83 -34.50 15.92
CA ARG A 43 41.99 -35.32 16.27
C ARG A 43 42.18 -35.36 17.79
N ASP A 44 42.97 -36.33 18.23
CA ASP A 44 43.54 -36.49 19.57
C ASP A 44 42.52 -36.89 20.65
N GLN A 45 41.23 -36.57 20.45
CA GLN A 45 40.22 -36.96 21.43
C GLN A 45 40.23 -38.48 21.62
N LYS A 46 40.23 -38.92 22.87
CA LYS A 46 40.33 -40.36 23.13
C LYS A 46 39.02 -41.09 22.85
N GLU A 47 37.88 -40.45 23.06
CA GLU A 47 36.60 -41.10 22.81
C GLU A 47 36.28 -41.06 21.32
N PRO A 48 36.11 -42.21 20.67
CA PRO A 48 35.71 -42.20 19.26
C PRO A 48 34.29 -41.69 19.11
N PRO A 49 33.94 -41.13 17.95
CA PRO A 49 32.66 -40.44 17.82
C PRO A 49 31.50 -41.40 17.62
N SER A 50 30.32 -40.94 18.02
CA SER A 50 29.09 -41.69 17.79
C SER A 50 28.71 -41.61 16.32
N HIS A 51 28.15 -42.71 15.81
CA HIS A 51 27.83 -42.78 14.39
C HIS A 51 26.56 -41.96 14.11
N GLN A 52 26.30 -41.75 12.81
CA GLN A 52 25.30 -40.78 12.37
C GLN A 52 24.65 -41.29 11.08
N TYR A 53 23.72 -42.25 11.26
CA TYR A 53 23.05 -42.85 10.11
C TYR A 53 22.21 -41.83 9.35
N LEU A 54 21.56 -40.92 10.07
CA LEU A 54 20.67 -39.97 9.41
C LEU A 54 21.46 -38.98 8.56
N SER A 55 22.55 -38.43 9.10
CA SER A 55 23.34 -37.45 8.36
C SER A 55 23.91 -38.07 7.07
N LEU A 56 24.27 -39.35 7.13
CA LEU A 56 24.86 -40.00 5.96
C LEU A 56 23.79 -40.48 4.99
N THR A 57 22.68 -41.02 5.51
CA THR A 57 21.57 -41.41 4.64
C THR A 57 21.00 -40.21 3.91
N LEU A 58 20.88 -39.07 4.61
CA LEU A 58 20.33 -37.88 3.97
C LEU A 58 21.30 -37.31 2.94
N LEU A 59 22.60 -37.33 3.24
CA LEU A 59 23.59 -36.86 2.26
C LEU A 59 23.61 -37.76 1.03
N HIS A 60 23.49 -39.07 1.25
CA HIS A 60 23.46 -40.03 0.14
C HIS A 60 22.38 -39.64 -0.87
N LEU A 61 21.18 -39.35 -0.39
CA LEU A 61 20.08 -39.04 -1.30
C LEU A 61 20.25 -37.66 -1.92
N LEU A 62 20.45 -36.63 -1.08
CA LEU A 62 20.53 -35.26 -1.60
C LEU A 62 21.70 -35.08 -2.56
N LYS A 63 22.77 -35.85 -2.40
CA LYS A 63 23.87 -35.76 -3.35
C LYS A 63 23.49 -36.37 -4.69
N ALA A 64 22.61 -37.37 -4.67
CA ALA A 64 22.14 -37.98 -5.92
C ALA A 64 21.10 -37.11 -6.61
N LEU A 65 20.26 -36.42 -5.85
CA LEU A 65 19.30 -35.49 -6.42
C LEU A 65 19.94 -34.17 -6.82
N SER A 66 21.16 -33.90 -6.36
CA SER A 66 21.84 -32.65 -6.67
C SER A 66 22.57 -32.71 -8.00
N CYS A 67 23.22 -33.84 -8.28
CA CYS A 67 23.85 -34.02 -9.57
C CYS A 67 22.82 -34.50 -10.59
N GLN A 68 23.21 -34.48 -11.85
CA GLN A 68 22.36 -35.00 -12.91
C GLN A 68 22.11 -36.49 -12.72
N GLU A 69 21.08 -36.98 -13.40
CA GLU A 69 20.85 -38.42 -13.47
C GLU A 69 22.07 -39.12 -14.07
N VAL A 70 22.29 -40.36 -13.64
CA VAL A 70 23.34 -41.19 -14.22
C VAL A 70 22.77 -42.27 -15.12
N THR A 71 21.65 -42.86 -14.73
CA THR A 71 20.89 -43.76 -15.59
C THR A 71 19.64 -43.03 -16.06
N ASP A 72 19.28 -43.24 -17.32
CA ASP A 72 18.24 -42.41 -17.97
C ASP A 72 16.91 -42.52 -17.23
N ASP A 73 16.34 -41.36 -16.90
CA ASP A 73 15.04 -41.25 -16.24
C ASP A 73 14.98 -42.13 -14.99
N GLU A 74 16.09 -42.20 -14.27
CA GLU A 74 16.15 -43.05 -13.09
C GLU A 74 15.26 -42.50 -11.98
N VAL A 75 14.65 -43.42 -11.24
CA VAL A 75 13.79 -43.08 -10.11
C VAL A 75 14.37 -43.78 -8.88
N LEU A 76 14.73 -43.00 -7.87
CA LEU A 76 15.32 -43.56 -6.67
C LEU A 76 14.23 -43.91 -5.65
N ASP A 77 14.64 -44.63 -4.61
CA ASP A 77 13.76 -45.07 -3.54
C ASP A 77 14.32 -44.51 -2.24
N ALA A 78 13.57 -43.61 -1.61
CA ALA A 78 14.01 -42.96 -0.38
C ALA A 78 13.42 -43.60 0.86
N SER A 79 12.87 -44.82 0.74
CA SER A 79 12.39 -45.54 1.92
C SER A 79 13.53 -45.89 2.86
N CYS A 80 14.77 -45.93 2.36
CA CYS A 80 15.92 -46.09 3.23
C CYS A 80 16.01 -44.96 4.25
N LEU A 81 15.47 -43.79 3.92
CA LEU A 81 15.48 -42.67 4.86
C LEU A 81 14.39 -42.83 5.91
N LEU A 82 13.21 -43.34 5.51
CA LEU A 82 12.11 -43.50 6.46
C LEU A 82 12.50 -44.39 7.63
N ASP A 83 13.26 -45.45 7.37
CA ASP A 83 13.63 -46.37 8.44
C ASP A 83 14.57 -45.69 9.44
N VAL A 84 15.50 -44.87 8.96
CA VAL A 84 16.46 -44.23 9.85
C VAL A 84 15.76 -43.26 10.80
N LEU A 85 14.79 -42.49 10.28
CA LEU A 85 14.08 -41.55 11.14
C LEU A 85 13.33 -42.25 12.27
N ARG A 86 12.84 -43.47 12.03
CA ARG A 86 12.15 -44.20 13.09
C ARG A 86 13.10 -44.66 14.18
N MET A 87 14.41 -44.72 13.89
CA MET A 87 15.38 -44.93 14.97
C MET A 87 15.44 -43.74 15.91
N TYR A 88 14.98 -42.57 15.45
CA TYR A 88 14.72 -41.47 16.36
C TYR A 88 13.24 -41.53 16.75
N ARG A 89 12.82 -40.59 17.60
CA ARG A 89 11.51 -40.70 18.25
C ARG A 89 10.34 -40.65 17.27
N TRP A 90 10.56 -40.27 16.03
CA TRP A 90 9.49 -39.92 15.10
C TRP A 90 8.67 -41.16 14.72
N GLN A 91 7.41 -41.18 15.18
CA GLN A 91 6.43 -42.20 14.81
C GLN A 91 5.21 -41.47 14.25
N ILE A 92 5.04 -41.50 12.93
CA ILE A 92 3.95 -40.76 12.30
C ILE A 92 2.62 -41.37 12.71
N SER A 93 1.71 -40.55 13.23
CA SER A 93 0.53 -41.07 13.90
C SER A 93 -0.76 -40.34 13.54
N SER A 94 -0.74 -39.41 12.59
CA SER A 94 -1.97 -38.75 12.16
C SER A 94 -1.74 -38.19 10.77
N PHE A 95 -2.86 -38.01 10.04
CA PHE A 95 -2.77 -37.42 8.71
C PHE A 95 -2.28 -35.99 8.75
N GLU A 96 -2.51 -35.30 9.88
CA GLU A 96 -2.03 -33.93 10.05
C GLU A 96 -0.50 -33.85 10.04
N GLU A 97 0.18 -34.99 10.19
CA GLU A 97 1.63 -35.02 10.30
C GLU A 97 2.31 -35.35 8.97
N GLN A 98 1.54 -35.68 7.93
CA GLN A 98 2.10 -35.98 6.60
C GLN A 98 2.34 -34.66 5.87
N ASP A 99 3.30 -33.90 6.38
CA ASP A 99 3.50 -32.52 5.94
C ASP A 99 4.99 -32.24 5.74
N ALA A 100 5.28 -31.41 4.75
CA ALA A 100 6.66 -31.06 4.43
C ALA A 100 7.31 -30.26 5.55
N HIS A 101 6.60 -29.28 6.11
CA HIS A 101 7.19 -28.48 7.19
C HIS A 101 7.43 -29.33 8.42
N GLU A 102 6.44 -30.11 8.84
CA GLU A 102 6.60 -30.99 10.00
C GLU A 102 7.82 -31.88 9.85
N LEU A 103 7.98 -32.51 8.68
CA LEU A 103 9.14 -33.35 8.44
C LEU A 103 10.43 -32.54 8.55
N PHE A 104 10.46 -31.37 7.91
CA PHE A 104 11.62 -30.49 8.00
C PHE A 104 12.02 -30.25 9.45
N HIS A 105 11.04 -30.04 10.33
CA HIS A 105 11.35 -29.86 11.74
C HIS A 105 11.72 -31.17 12.42
N VAL A 106 11.22 -32.30 11.92
CA VAL A 106 11.68 -33.57 12.45
C VAL A 106 13.13 -33.84 12.02
N ILE A 107 13.44 -33.58 10.75
CA ILE A 107 14.79 -33.78 10.25
C ILE A 107 15.77 -32.86 10.97
N THR A 108 15.44 -31.57 11.06
CA THR A 108 16.36 -30.62 11.67
C THR A 108 16.60 -30.92 13.14
N SER A 109 15.59 -31.44 13.84
CA SER A 109 15.80 -31.84 15.23
C SER A 109 16.67 -33.08 15.32
N SER A 110 16.46 -34.06 14.43
CA SER A 110 17.21 -35.30 14.48
C SER A 110 18.66 -35.11 14.04
N LEU A 111 18.95 -34.08 13.24
CA LEU A 111 20.34 -33.72 12.99
C LEU A 111 20.97 -33.11 14.22
N GLU A 112 20.22 -32.28 14.95
CA GLU A 112 20.75 -31.65 16.15
C GLU A 112 20.98 -32.67 17.26
N ASP A 113 20.19 -33.75 17.30
CA ASP A 113 20.50 -34.86 18.18
C ASP A 113 21.87 -35.45 17.86
N GLU A 114 22.26 -35.43 16.59
CA GLU A 114 23.54 -36.01 16.19
C GLU A 114 24.70 -35.07 16.47
N ARG A 115 24.48 -33.75 16.33
CA ARG A 115 25.48 -32.79 16.79
C ARG A 115 25.69 -32.90 18.29
N ASP A 116 24.59 -33.06 19.04
CA ASP A 116 24.68 -33.24 20.48
C ASP A 116 25.02 -34.65 20.88
N GLY A 117 25.16 -35.57 19.93
CA GLY A 117 25.57 -36.94 20.24
C GLY A 117 27.05 -37.05 20.52
N SER A 118 27.88 -36.85 19.49
CA SER A 118 29.32 -36.77 19.67
C SER A 118 29.66 -35.40 20.23
N GLY A 119 30.09 -35.37 21.50
CA GLY A 119 30.27 -34.11 22.19
C GLY A 119 31.72 -33.63 22.27
N SER A 120 32.66 -34.56 22.26
CA SER A 120 34.07 -34.16 22.37
C SER A 120 34.58 -33.58 21.06
N HIS A 121 34.14 -34.13 19.94
CA HIS A 121 34.54 -33.63 18.63
C HIS A 121 33.58 -32.51 18.21
N TRP A 122 34.14 -31.47 17.59
CA TRP A 122 33.32 -30.33 17.22
C TRP A 122 32.63 -30.61 15.88
N LYS A 123 31.29 -30.54 15.90
CA LYS A 123 30.47 -30.62 14.70
C LYS A 123 29.85 -29.26 14.46
N SER A 124 29.70 -28.88 13.19
CA SER A 124 29.27 -27.53 12.86
C SER A 124 27.75 -27.42 12.86
N GLN A 125 27.27 -26.23 13.21
CA GLN A 125 25.84 -25.96 13.33
C GLN A 125 25.22 -25.79 11.94
N HIS A 126 23.97 -26.24 11.80
CA HIS A 126 23.39 -26.40 10.48
C HIS A 126 22.98 -25.05 9.87
N PRO A 127 23.06 -24.93 8.54
CA PRO A 127 22.93 -23.61 7.91
C PRO A 127 21.52 -23.04 7.90
N PHE A 128 20.52 -23.78 8.35
CA PHE A 128 19.18 -23.20 8.51
C PHE A 128 19.00 -22.49 9.85
N HIS A 129 20.00 -22.51 10.72
CA HIS A 129 19.86 -21.98 12.06
C HIS A 129 19.94 -20.45 12.05
N GLY A 130 18.97 -19.81 12.69
CA GLY A 130 18.97 -18.37 12.84
C GLY A 130 18.36 -18.01 14.18
N ARG A 131 18.41 -16.71 14.49
CA ARG A 131 17.91 -16.24 15.77
C ARG A 131 16.94 -15.08 15.59
N LEU A 132 15.86 -15.12 16.37
CA LEU A 132 14.99 -13.96 16.56
C LEU A 132 15.39 -13.24 17.84
N THR A 133 15.14 -11.93 17.87
CA THR A 133 15.45 -11.10 19.03
C THR A 133 14.23 -10.27 19.40
N SER A 134 13.95 -10.18 20.69
CA SER A 134 12.85 -9.39 21.22
C SER A 134 13.38 -8.32 22.15
N ASN A 135 12.82 -7.11 22.03
CA ASN A 135 13.33 -5.93 22.71
C ASN A 135 12.18 -4.95 22.89
N MET A 136 12.22 -4.17 23.96
CA MET A 136 11.13 -3.28 24.31
C MET A 136 11.68 -1.91 24.65
N VAL A 137 11.03 -0.86 24.11
CA VAL A 137 11.50 0.52 24.25
C VAL A 137 10.36 1.38 24.78
N CYS A 138 10.69 2.30 25.68
CA CYS A 138 9.70 3.13 26.37
C CYS A 138 9.57 4.48 25.66
N LYS A 139 8.33 4.92 25.48
CA LYS A 139 8.08 6.11 24.66
C LYS A 139 8.40 7.41 25.38
N HIS A 140 8.27 7.43 26.71
CA HIS A 140 8.44 8.66 27.47
C HIS A 140 9.89 8.96 27.81
N CYS A 141 10.82 8.04 27.56
CA CYS A 141 12.23 8.27 27.82
C CYS A 141 13.15 7.81 26.68
N GLU A 142 12.63 7.09 25.69
CA GLU A 142 13.38 6.67 24.52
C GLU A 142 14.62 5.87 24.94
N HIS A 143 14.35 4.78 25.66
CA HIS A 143 15.41 3.86 26.08
C HIS A 143 14.85 2.44 26.07
N GLN A 144 15.78 1.48 26.06
CA GLN A 144 15.45 0.11 25.70
C GLN A 144 15.83 -0.87 26.79
N SER A 145 15.15 -2.03 26.76
CA SER A 145 15.55 -3.16 27.58
C SER A 145 16.74 -3.87 26.95
N PRO A 146 17.45 -4.67 27.72
CA PRO A 146 18.37 -5.63 27.10
C PRO A 146 17.60 -6.70 26.37
N VAL A 147 18.22 -7.24 25.32
CA VAL A 147 17.49 -8.10 24.40
C VAL A 147 17.32 -9.50 24.99
N ARG A 148 16.32 -10.21 24.49
CA ARG A 148 16.18 -11.65 24.63
C ARG A 148 16.36 -12.28 23.25
N PHE A 149 16.90 -13.48 23.22
CA PHE A 149 17.09 -14.20 21.96
C PHE A 149 16.15 -15.40 21.86
N ASP A 150 16.08 -15.93 20.65
CA ASP A 150 15.23 -17.05 20.30
C ASP A 150 15.84 -17.72 19.07
N THR A 151 15.47 -18.97 18.82
CA THR A 151 16.00 -19.68 17.67
C THR A 151 14.88 -20.09 16.73
N PHE A 152 15.26 -20.34 15.47
CA PHE A 152 14.33 -20.84 14.47
C PHE A 152 15.09 -21.64 13.43
N ASP A 153 14.38 -22.56 12.81
CA ASP A 153 14.83 -23.22 11.59
C ASP A 153 14.01 -22.80 10.38
N SER A 154 12.89 -22.12 10.60
CA SER A 154 12.05 -21.61 9.54
C SER A 154 11.24 -20.45 10.09
N LEU A 155 11.04 -19.43 9.25
CA LEU A 155 10.12 -18.35 9.59
C LEU A 155 8.73 -18.78 9.16
N SER A 156 7.94 -19.28 10.11
CA SER A 156 6.61 -19.82 9.84
C SER A 156 5.61 -18.67 9.89
N LEU A 157 5.30 -18.11 8.72
CA LEU A 157 4.49 -16.91 8.63
C LEU A 157 3.01 -17.28 8.59
N SER A 158 2.24 -16.80 9.56
CA SER A 158 0.79 -16.83 9.44
C SER A 158 0.35 -15.84 8.37
N ILE A 159 -0.72 -16.20 7.66
CA ILE A 159 -1.17 -15.44 6.50
C ILE A 159 -2.15 -14.37 6.99
N PRO A 160 -1.90 -13.09 6.70
CA PRO A 160 -2.80 -12.04 7.19
C PRO A 160 -4.13 -12.04 6.45
N ALA A 161 -5.16 -11.57 7.15
CA ALA A 161 -6.48 -11.46 6.55
C ALA A 161 -6.57 -10.20 5.70
N ALA A 162 -7.48 -10.22 4.73
CA ALA A 162 -7.59 -9.13 3.78
C ALA A 162 -8.20 -7.90 4.42
N THR A 163 -7.73 -6.72 4.00
CA THR A 163 -8.28 -5.45 4.47
C THR A 163 -8.87 -4.66 3.31
N TRP A 164 -8.04 -3.98 2.53
CA TRP A 164 -8.52 -3.33 1.31
C TRP A 164 -8.80 -4.36 0.22
N GLY A 165 -7.84 -5.24 -0.05
CA GLY A 165 -7.94 -6.15 -1.16
C GLY A 165 -6.81 -5.97 -2.15
N HIS A 166 -5.66 -5.49 -1.66
CA HIS A 166 -4.46 -5.46 -2.47
C HIS A 166 -3.82 -6.83 -2.51
N PRO A 167 -2.98 -7.10 -3.51
CA PRO A 167 -2.26 -8.37 -3.55
C PRO A 167 -1.41 -8.55 -2.30
N LEU A 168 -1.45 -9.77 -1.74
CA LEU A 168 -0.60 -10.11 -0.60
C LEU A 168 0.82 -10.38 -1.10
N THR A 169 1.79 -9.79 -0.42
CA THR A 169 3.19 -9.97 -0.75
C THR A 169 3.90 -10.70 0.39
N LEU A 170 5.01 -11.35 0.03
CA LEU A 170 5.84 -11.99 1.06
C LEU A 170 6.34 -10.98 2.07
N ASP A 171 6.51 -9.72 1.65
CA ASP A 171 6.89 -8.66 2.58
C ASP A 171 5.82 -8.44 3.64
N HIS A 172 4.55 -8.54 3.26
CA HIS A 172 3.46 -8.31 4.20
C HIS A 172 3.30 -9.45 5.18
N CYS A 173 3.52 -10.69 4.72
CA CYS A 173 3.48 -11.83 5.63
C CYS A 173 4.71 -11.87 6.53
N LEU A 174 5.80 -11.24 6.11
CA LEU A 174 6.98 -11.17 6.96
C LEU A 174 6.86 -10.06 7.98
N HIS A 175 6.48 -8.85 7.54
CA HIS A 175 6.33 -7.74 8.48
C HIS A 175 5.21 -8.00 9.48
N HIS A 176 4.20 -8.76 9.09
CA HIS A 176 3.17 -9.16 10.04
C HIS A 176 3.73 -10.04 11.15
N PHE A 177 4.72 -10.86 10.82
CA PHE A 177 5.33 -11.80 11.76
C PHE A 177 6.44 -11.14 12.57
N ILE A 178 7.41 -10.52 11.90
CA ILE A 178 8.49 -9.79 12.56
C ILE A 178 8.02 -8.38 12.88
N SER A 179 7.12 -8.27 13.85
CA SER A 179 6.64 -6.99 14.38
C SER A 179 5.73 -7.31 15.56
N SER A 180 5.42 -6.29 16.35
CA SER A 180 4.60 -6.51 17.54
C SER A 180 4.00 -5.19 18.01
N GLU A 181 3.20 -5.27 19.06
CA GLU A 181 2.32 -4.22 19.53
C GLU A 181 2.94 -3.50 20.74
N SER A 182 2.12 -2.78 21.50
CA SER A 182 2.53 -2.09 22.71
C SER A 182 1.82 -2.67 23.93
N VAL A 183 2.53 -2.70 25.06
CA VAL A 183 1.99 -3.15 26.35
C VAL A 183 1.69 -1.91 27.18
N ARG A 184 0.68 -1.99 28.04
CA ARG A 184 0.02 -0.80 28.58
C ARG A 184 0.14 -0.58 30.08
N ASP A 185 0.84 -1.44 30.84
CA ASP A 185 0.74 -1.28 32.28
C ASP A 185 2.01 -1.45 33.10
N VAL A 186 3.16 -1.70 32.51
CA VAL A 186 4.33 -2.11 33.29
C VAL A 186 5.31 -0.95 33.43
N VAL A 187 5.99 -0.93 34.58
CA VAL A 187 6.77 0.24 34.97
C VAL A 187 8.06 0.34 34.16
N CYS A 188 8.63 1.53 34.16
CA CYS A 188 9.91 1.82 33.55
C CYS A 188 10.99 1.98 34.62
N ASP A 189 12.24 1.95 34.16
CA ASP A 189 13.38 2.22 35.02
C ASP A 189 13.82 3.68 34.98
N ASN A 190 14.08 4.20 33.78
CA ASN A 190 14.50 5.59 33.64
C ASN A 190 13.42 6.54 34.16
N CYS A 191 12.16 6.25 33.86
CA CYS A 191 11.03 6.86 34.56
C CYS A 191 10.78 6.01 35.80
N THR A 192 11.26 6.50 36.95
CA THR A 192 11.47 5.64 38.11
C THR A 192 10.19 5.12 38.76
N LYS A 193 9.01 5.42 38.23
CA LYS A 193 7.79 4.73 38.67
C LYS A 193 6.81 4.57 37.52
N ARG A 209 1.25 1.52 34.46
CA ARG A 209 2.00 2.64 35.03
C ARG A 209 2.92 3.26 33.97
N THR A 210 3.15 2.52 32.88
CA THR A 210 3.86 3.02 31.71
C THR A 210 3.53 2.11 30.54
N THR A 211 3.76 2.62 29.33
CA THR A 211 3.52 1.87 28.10
C THR A 211 4.77 1.92 27.22
N PHE A 212 5.11 0.77 26.62
CA PHE A 212 6.31 0.66 25.80
C PHE A 212 6.04 -0.22 24.58
N VAL A 213 6.97 -0.15 23.62
CA VAL A 213 6.79 -0.75 22.31
C VAL A 213 7.58 -2.05 22.22
N LYS A 214 6.92 -3.12 21.79
CA LYS A 214 7.54 -4.44 21.65
C LYS A 214 8.18 -4.56 20.27
N GLN A 215 9.51 -4.43 20.22
CA GLN A 215 10.25 -4.75 19.02
C GLN A 215 10.48 -6.25 18.91
N LEU A 216 10.23 -6.79 17.72
CA LEU A 216 10.63 -8.15 17.38
C LEU A 216 11.38 -8.07 16.06
N LYS A 217 12.64 -8.50 16.05
CA LYS A 217 13.45 -8.53 14.86
C LYS A 217 14.31 -9.79 14.90
N LEU A 218 15.00 -10.06 13.80
CA LEU A 218 15.82 -11.26 13.67
C LEU A 218 17.29 -10.87 13.76
N GLY A 219 18.02 -11.55 14.63
CA GLY A 219 19.39 -11.18 14.96
C GLY A 219 20.45 -11.94 14.19
N LYS A 220 20.26 -13.24 14.05
CA LYS A 220 21.13 -14.07 13.21
C LYS A 220 20.35 -14.51 11.98
N LEU A 221 20.96 -14.33 10.81
CA LEU A 221 20.36 -14.78 9.57
C LEU A 221 21.08 -16.03 9.08
N PRO A 222 20.34 -17.11 8.81
CA PRO A 222 20.99 -18.32 8.31
C PRO A 222 21.43 -18.14 6.86
N GLN A 223 22.33 -19.02 6.42
CA GLN A 223 22.68 -19.01 5.00
C GLN A 223 21.53 -19.59 4.18
N CYS A 224 20.93 -20.68 4.65
CA CYS A 224 19.74 -21.24 4.03
C CYS A 224 18.53 -20.77 4.83
N LEU A 225 17.69 -19.96 4.19
CA LEU A 225 16.52 -19.36 4.85
C LEU A 225 15.27 -20.10 4.41
N CYS A 226 14.58 -20.71 5.36
CA CYS A 226 13.33 -21.42 5.12
C CYS A 226 12.17 -20.53 5.53
N ILE A 227 11.42 -20.02 4.56
CA ILE A 227 10.15 -19.36 4.82
C ILE A 227 9.07 -20.43 4.77
N HIS A 228 8.02 -20.25 5.57
CA HIS A 228 6.89 -21.16 5.55
C HIS A 228 5.60 -20.38 5.67
N LEU A 229 4.67 -20.63 4.75
CA LEU A 229 3.35 -20.01 4.76
C LEU A 229 2.36 -21.00 5.38
N GLN A 230 1.71 -20.58 6.45
CA GLN A 230 0.77 -21.43 7.18
C GLN A 230 -0.51 -21.61 6.38
N ARG A 231 -0.43 -22.29 5.24
CA ARG A 231 -1.59 -22.49 4.39
C ARG A 231 -2.50 -23.61 4.88
N LEU A 232 -2.01 -24.47 5.78
CA LEU A 232 -2.79 -25.58 6.32
C LEU A 232 -2.90 -25.42 7.82
N SER A 233 -4.12 -25.32 8.32
CA SER A 233 -4.38 -25.21 9.75
C SER A 233 -5.76 -25.79 10.03
N TRP A 234 -6.21 -25.66 11.27
CA TRP A 234 -7.52 -26.17 11.66
C TRP A 234 -8.54 -25.04 11.75
N SER A 235 -9.75 -25.33 11.29
CA SER A 235 -10.83 -24.36 11.24
C SER A 235 -11.31 -24.04 12.65
N SER A 236 -12.42 -23.30 12.73
CA SER A 236 -12.96 -22.94 14.04
C SER A 236 -13.35 -24.18 14.84
N HIS A 237 -13.93 -25.18 14.19
CA HIS A 237 -14.35 -26.38 14.90
C HIS A 237 -13.61 -27.62 14.42
N GLY A 238 -12.30 -27.49 14.20
CA GLY A 238 -11.40 -28.62 14.17
C GLY A 238 -11.18 -29.29 12.84
N THR A 239 -11.87 -28.88 11.79
CA THR A 239 -11.65 -29.49 10.49
C THR A 239 -10.44 -28.88 9.79
N PRO A 240 -9.85 -29.58 8.84
CA PRO A 240 -8.71 -29.00 8.10
C PRO A 240 -9.16 -27.79 7.29
N LEU A 241 -8.50 -26.66 7.53
CA LEU A 241 -8.73 -25.43 6.79
C LEU A 241 -7.52 -25.14 5.92
N LYS A 242 -7.76 -24.89 4.63
CA LYS A 242 -6.70 -24.51 3.70
C LYS A 242 -6.88 -23.06 3.29
N ARG A 243 -5.76 -22.33 3.25
CA ARG A 243 -5.73 -20.94 2.80
C ARG A 243 -5.31 -20.93 1.33
N HIS A 244 -6.19 -20.43 0.46
CA HIS A 244 -5.98 -20.55 -0.97
C HIS A 244 -5.42 -19.29 -1.63
N GLU A 245 -5.53 -18.13 -0.99
CA GLU A 245 -5.13 -16.89 -1.64
C GLU A 245 -3.62 -16.87 -1.92
N HIS A 246 -3.27 -16.23 -3.03
CA HIS A 246 -1.91 -16.25 -3.55
C HIS A 246 -1.03 -15.19 -2.89
N VAL A 247 0.21 -15.55 -2.61
CA VAL A 247 1.19 -14.64 -2.02
C VAL A 247 2.31 -14.42 -3.03
N GLN A 248 2.58 -13.15 -3.34
CA GLN A 248 3.55 -12.81 -4.37
C GLN A 248 4.96 -12.77 -3.79
N PHE A 249 5.88 -13.44 -4.48
CA PHE A 249 7.27 -13.55 -4.03
C PHE A 249 8.18 -13.40 -5.24
N ASN A 250 9.45 -13.12 -4.97
CA ASN A 250 10.42 -12.80 -6.00
C ASN A 250 11.58 -13.79 -5.96
N GLU A 251 12.39 -13.79 -7.02
CA GLU A 251 13.52 -14.70 -7.06
C GLU A 251 14.61 -14.24 -6.11
N ASP A 252 14.89 -12.94 -6.06
CA ASP A 252 15.79 -12.36 -5.09
C ASP A 252 15.00 -11.63 -4.01
N LEU A 253 15.44 -11.79 -2.76
CA LEU A 253 14.73 -11.25 -1.60
C LEU A 253 15.74 -10.62 -0.66
N SER A 254 15.47 -9.39 -0.24
CA SER A 254 16.35 -8.62 0.63
C SER A 254 15.77 -8.53 2.03
N MET A 255 16.57 -8.91 3.03
CA MET A 255 16.12 -9.01 4.40
C MET A 255 16.61 -7.86 5.28
N ASP A 256 17.14 -6.79 4.68
CA ASP A 256 17.83 -5.76 5.44
C ASP A 256 16.90 -4.98 6.36
N GLU A 257 15.59 -5.06 6.14
CA GLU A 257 14.65 -4.30 6.97
C GLU A 257 14.19 -5.07 8.21
N TYR A 258 14.48 -6.37 8.29
CA TYR A 258 14.07 -7.20 9.41
C TYR A 258 15.20 -7.44 10.40
N LYS A 259 16.39 -6.91 10.14
CA LYS A 259 17.58 -7.24 10.92
C LYS A 259 17.77 -6.27 12.08
N TYR A 260 18.37 -6.78 13.16
CA TYR A 260 18.50 -6.01 14.40
C TYR A 260 19.60 -4.97 14.31
N HIS A 261 20.81 -5.38 13.91
CA HIS A 261 21.95 -4.47 13.92
C HIS A 261 21.76 -3.35 12.90
N SER A 262 21.89 -2.11 13.37
CA SER A 262 21.46 -0.93 12.63
C SER A 262 22.63 -0.34 11.84
N ASN A 263 23.07 -1.10 10.85
CA ASN A 263 24.22 -0.72 10.05
C ASN A 263 23.95 -1.05 8.58
N ALA A 264 24.82 -0.52 7.71
CA ALA A 264 24.56 -0.47 6.28
C ALA A 264 24.94 -1.74 5.53
N SER A 265 25.44 -2.77 6.22
CA SER A 265 25.74 -4.02 5.54
C SER A 265 24.44 -4.66 5.05
N THR A 266 24.56 -5.46 3.99
CA THR A 266 23.39 -5.92 3.26
C THR A 266 23.29 -7.44 3.25
N TYR A 267 22.07 -7.94 3.41
CA TYR A 267 21.75 -9.35 3.30
C TYR A 267 20.76 -9.54 2.15
N LEU A 268 21.10 -10.43 1.22
CA LEU A 268 20.26 -10.68 0.06
C LEU A 268 20.17 -12.18 -0.18
N PHE A 269 18.97 -12.66 -0.49
CA PHE A 269 18.72 -14.08 -0.67
C PHE A 269 18.17 -14.35 -2.06
N ARG A 270 18.47 -15.55 -2.58
CA ARG A 270 18.03 -15.95 -3.90
C ARG A 270 17.27 -17.27 -3.80
N LEU A 271 16.24 -17.41 -4.62
CA LEU A 271 15.39 -18.60 -4.56
C LEU A 271 16.15 -19.84 -5.01
N MET A 272 15.88 -20.96 -4.34
CA MET A 272 16.36 -22.26 -4.78
C MET A 272 15.26 -23.28 -4.99
N ALA A 273 14.20 -23.25 -4.19
CA ALA A 273 13.12 -24.20 -4.39
C ALA A 273 11.83 -23.66 -3.78
N VAL A 274 10.71 -24.08 -4.35
CA VAL A 274 9.39 -23.78 -3.83
C VAL A 274 8.61 -25.08 -3.71
N VAL A 275 8.28 -25.48 -2.50
CA VAL A 275 7.37 -26.60 -2.27
C VAL A 275 5.95 -26.07 -2.31
N VAL A 276 5.06 -26.80 -2.98
CA VAL A 276 3.71 -26.35 -3.27
C VAL A 276 2.73 -27.47 -2.92
N HIS A 277 1.60 -27.11 -2.33
CA HIS A 277 0.56 -28.08 -1.99
C HIS A 277 -0.62 -27.88 -2.92
N HIS A 278 -1.03 -28.96 -3.57
CA HIS A 278 -2.13 -28.94 -4.53
C HIS A 278 -3.32 -29.69 -3.96
N GLY A 279 -4.53 -29.16 -4.20
CA GLY A 279 -5.73 -29.89 -3.84
C GLY A 279 -5.97 -29.93 -2.34
N ASP A 280 -6.58 -31.02 -1.89
CA ASP A 280 -6.82 -31.25 -0.47
C ASP A 280 -7.45 -32.63 -0.28
N MET A 281 -7.38 -33.11 0.97
CA MET A 281 -7.86 -34.42 1.41
C MET A 281 -7.61 -35.52 0.38
N HIS A 282 -8.71 -36.06 -0.18
CA HIS A 282 -8.60 -37.21 -1.07
C HIS A 282 -7.59 -36.97 -2.18
N SER A 283 -7.62 -35.78 -2.79
CA SER A 283 -6.71 -35.44 -3.87
C SER A 283 -5.75 -34.34 -3.46
N GLY A 284 -5.20 -34.43 -2.24
CA GLY A 284 -4.16 -33.52 -1.81
C GLY A 284 -2.78 -34.06 -2.16
N HIS A 285 -1.87 -33.14 -2.43
CA HIS A 285 -0.57 -33.55 -2.97
C HIS A 285 0.47 -32.47 -2.74
N PHE A 286 1.71 -32.89 -2.55
CA PHE A 286 2.86 -32.01 -2.44
C PHE A 286 3.71 -32.13 -3.70
N VAL A 287 4.41 -31.03 -4.03
CA VAL A 287 5.16 -30.93 -5.27
C VAL A 287 6.25 -29.89 -5.08
N THR A 288 7.22 -29.87 -6.00
CA THR A 288 8.40 -29.04 -5.82
C THR A 288 8.83 -28.38 -7.13
N TYR A 289 8.96 -27.06 -7.09
CA TYR A 289 9.69 -26.31 -8.09
C TYR A 289 11.12 -26.12 -7.58
N ARG A 290 12.10 -26.35 -8.45
CA ARG A 290 13.49 -26.23 -8.05
C ARG A 290 14.34 -25.94 -9.27
N ARG A 291 15.55 -25.44 -9.04
CA ARG A 291 16.50 -25.19 -10.12
C ARG A 291 17.14 -26.49 -10.58
N SER A 292 17.58 -26.49 -11.83
CA SER A 292 18.29 -27.62 -12.39
C SER A 292 19.71 -27.66 -11.83
N PRO A 293 20.36 -28.82 -11.88
CA PRO A 293 21.67 -28.97 -11.24
C PRO A 293 22.68 -28.01 -11.83
N PRO A 294 23.63 -27.55 -11.03
CA PRO A 294 24.64 -26.61 -11.54
C PRO A 294 25.77 -27.30 -12.29
N SER A 295 26.04 -28.57 -11.96
CA SER A 295 27.25 -29.24 -12.40
C SER A 295 27.26 -29.57 -13.88
N ALA A 296 26.83 -28.62 -14.72
CA ALA A 296 26.96 -28.76 -16.17
C ALA A 296 28.39 -28.40 -16.55
N ARG A 297 29.32 -29.26 -16.14
CA ARG A 297 30.75 -29.07 -16.31
C ARG A 297 31.27 -27.81 -15.65
N ASN A 298 30.45 -27.21 -14.78
CA ASN A 298 30.75 -25.91 -14.18
C ASN A 298 30.12 -25.92 -12.80
N PRO A 299 30.66 -26.75 -11.88
CA PRO A 299 29.91 -27.12 -10.68
C PRO A 299 29.64 -25.98 -9.73
N LEU A 300 30.06 -24.77 -10.10
CA LEU A 300 29.84 -23.64 -9.22
C LEU A 300 28.76 -22.70 -9.73
N SER A 301 28.31 -22.89 -10.97
CA SER A 301 27.38 -21.99 -11.64
C SER A 301 25.95 -22.42 -11.34
N THR A 302 25.31 -21.73 -10.39
CA THR A 302 23.91 -21.99 -10.10
C THR A 302 23.05 -21.69 -11.33
N SER A 303 22.21 -22.65 -11.70
CA SER A 303 21.46 -22.57 -12.95
C SER A 303 20.32 -21.57 -12.85
N ASN A 304 19.73 -21.27 -14.01
CA ASN A 304 18.52 -20.46 -14.09
C ASN A 304 17.37 -21.18 -14.78
N GLN A 305 17.57 -22.42 -15.23
CA GLN A 305 16.48 -23.26 -15.72
C GLN A 305 15.79 -23.95 -14.54
N TRP A 306 14.51 -23.70 -14.38
CA TRP A 306 13.74 -24.28 -13.29
C TRP A 306 13.07 -25.59 -13.71
N LEU A 307 12.78 -26.42 -12.71
CA LEU A 307 12.18 -27.73 -12.92
C LEU A 307 10.96 -27.91 -12.03
N TRP A 308 10.04 -28.75 -12.48
CA TRP A 308 8.88 -29.16 -11.72
C TRP A 308 8.97 -30.67 -11.50
N VAL A 309 8.97 -31.09 -10.23
CA VAL A 309 9.16 -32.48 -9.86
C VAL A 309 7.97 -32.94 -9.02
N SER A 310 7.30 -34.00 -9.46
CA SER A 310 6.21 -34.63 -8.72
C SER A 310 6.52 -36.12 -8.60
N ASP A 311 7.10 -36.52 -7.47
CA ASP A 311 7.50 -37.90 -7.25
C ASP A 311 8.42 -38.37 -8.37
N ASP A 312 7.93 -39.28 -9.21
CA ASP A 312 8.74 -39.83 -10.29
C ASP A 312 8.67 -39.01 -11.57
N THR A 313 8.02 -37.84 -11.55
CA THR A 313 7.82 -37.02 -12.73
C THR A 313 8.70 -35.80 -12.66
N VAL A 314 9.46 -35.54 -13.73
CA VAL A 314 10.34 -34.38 -13.83
C VAL A 314 10.07 -33.67 -15.15
N ARG A 315 9.99 -32.34 -15.09
CA ARG A 315 9.60 -31.52 -16.24
C ARG A 315 10.25 -30.15 -16.11
N LYS A 316 10.65 -29.58 -17.25
CA LYS A 316 11.13 -28.21 -17.25
C LYS A 316 10.01 -27.25 -16.90
N ALA A 317 10.39 -26.13 -16.28
CA ALA A 317 9.43 -25.10 -15.92
C ALA A 317 10.10 -23.74 -16.03
N SER A 318 9.38 -22.78 -16.61
CA SER A 318 9.88 -21.42 -16.67
C SER A 318 9.74 -20.77 -15.29
N LEU A 319 10.34 -19.58 -15.15
CA LEU A 319 10.30 -18.88 -13.87
C LEU A 319 8.91 -18.31 -13.60
N GLN A 320 8.25 -17.77 -14.63
CA GLN A 320 6.89 -17.28 -14.46
C GLN A 320 5.96 -18.40 -13.99
N GLU A 321 6.31 -19.65 -14.27
CA GLU A 321 5.55 -20.77 -13.73
C GLU A 321 5.80 -20.92 -12.23
N VAL A 322 7.03 -20.65 -11.79
CA VAL A 322 7.33 -20.75 -10.37
C VAL A 322 6.70 -19.60 -9.59
N LEU A 323 6.88 -18.38 -10.07
CA LEU A 323 6.39 -17.20 -9.34
C LEU A 323 4.87 -17.16 -9.26
N SER A 324 4.17 -17.90 -10.14
CA SER A 324 2.72 -17.90 -10.12
C SER A 324 2.14 -18.97 -9.21
N SER A 325 2.95 -19.95 -8.81
CA SER A 325 2.48 -21.04 -7.97
C SER A 325 2.29 -20.58 -6.53
N SER A 326 1.43 -21.28 -5.80
CA SER A 326 1.08 -20.94 -4.43
C SER A 326 2.08 -21.60 -3.49
N ALA A 327 2.99 -20.80 -2.96
CA ALA A 327 4.12 -21.33 -2.21
C ALA A 327 3.70 -21.89 -0.87
N TYR A 328 4.33 -23.01 -0.48
CA TYR A 328 4.17 -23.56 0.86
C TYR A 328 5.47 -23.43 1.64
N LEU A 329 6.57 -23.96 1.09
CA LEU A 329 7.91 -23.69 1.60
C LEU A 329 8.71 -22.98 0.53
N LEU A 330 9.49 -21.99 0.95
CA LEU A 330 10.43 -21.29 0.08
C LEU A 330 11.83 -21.47 0.64
N PHE A 331 12.68 -22.16 -0.11
CA PHE A 331 14.07 -22.32 0.28
C PHE A 331 14.90 -21.24 -0.39
N TYR A 332 15.14 -20.16 0.34
CA TYR A 332 16.02 -19.08 -0.08
C TYR A 332 17.43 -19.40 0.42
N GLU A 333 18.42 -18.95 -0.35
CA GLU A 333 19.81 -19.11 0.04
C GLU A 333 20.52 -17.78 -0.17
N ARG A 334 21.41 -17.44 0.76
CA ARG A 334 22.03 -16.12 0.72
C ARG A 334 23.01 -16.02 -0.43
N VAL A 335 23.01 -14.85 -1.06
CA VAL A 335 24.01 -14.48 -2.06
C VAL A 335 24.55 -13.11 -1.68
N LEU A 336 25.69 -12.76 -2.27
CA LEU A 336 26.32 -11.49 -1.94
C LEU A 336 25.83 -10.34 -2.82
N GLU A 337 25.83 -10.54 -4.13
CA GLU A 337 25.41 -9.52 -5.08
C GLU A 337 24.54 -10.16 -6.16
N VAL A 338 23.82 -9.30 -6.87
CA VAL A 338 22.79 -9.77 -7.79
C VAL A 338 23.35 -10.09 -9.16
N LEU A 339 24.67 -10.14 -9.28
CA LEU A 339 25.26 -10.38 -10.60
C LEU A 339 24.94 -11.80 -11.03
N PHE A 340 24.02 -11.95 -11.98
CA PHE A 340 23.65 -13.26 -12.50
C PHE A 340 24.20 -13.46 -13.91
N VAL B 2 -14.07 -1.47 -19.02
CA VAL B 2 -14.84 -2.13 -17.97
C VAL B 2 -15.08 -1.14 -16.84
N GLN B 3 -16.20 -0.41 -16.91
CA GLN B 3 -16.49 0.65 -15.96
C GLN B 3 -17.20 0.10 -14.72
N LEU B 4 -17.43 1.01 -13.75
CA LEU B 4 -18.15 0.72 -12.51
C LEU B 4 -19.00 1.95 -12.20
N GLN B 5 -20.10 2.10 -12.94
CA GLN B 5 -20.90 3.32 -12.87
C GLN B 5 -21.60 3.44 -11.52
N GLN B 6 -21.75 4.68 -11.07
CA GLN B 6 -22.44 5.01 -9.83
C GLN B 6 -23.75 5.73 -10.14
N SER B 7 -24.49 6.06 -9.09
CA SER B 7 -25.73 6.78 -9.23
C SER B 7 -25.46 8.28 -9.33
N GLY B 8 -26.36 8.99 -9.99
CA GLY B 8 -26.24 10.43 -10.10
C GLY B 8 -26.40 11.12 -8.75
N ALA B 9 -25.96 12.38 -8.71
CA ALA B 9 -25.94 13.14 -7.47
C ALA B 9 -27.35 13.58 -7.08
N GLU B 10 -27.46 14.10 -5.85
CA GLU B 10 -28.73 14.54 -5.30
C GLU B 10 -28.49 15.58 -4.21
N LEU B 11 -29.58 16.22 -3.79
CA LEU B 11 -29.53 17.28 -2.79
C LEU B 11 -30.75 17.18 -1.89
N VAL B 12 -30.53 17.34 -0.59
CA VAL B 12 -31.59 17.24 0.41
C VAL B 12 -31.35 18.24 1.52
N ARG B 13 -32.40 18.48 2.32
CA ARG B 13 -32.29 19.31 3.51
C ARG B 13 -31.61 18.54 4.63
N PRO B 14 -31.09 19.24 5.65
CA PRO B 14 -30.55 18.55 6.81
C PRO B 14 -31.63 17.75 7.54
N GLY B 15 -31.19 16.70 8.23
CA GLY B 15 -32.08 15.84 8.96
C GLY B 15 -32.74 14.74 8.14
N ALA B 16 -32.42 14.64 6.85
CA ALA B 16 -33.06 13.66 5.97
C ALA B 16 -32.20 12.40 5.89
N SER B 17 -32.38 11.61 4.84
CA SER B 17 -31.62 10.39 4.62
C SER B 17 -31.62 10.08 3.13
N VAL B 18 -30.56 9.42 2.67
CA VAL B 18 -30.37 9.12 1.25
C VAL B 18 -29.76 7.74 1.08
N LYS B 19 -29.80 7.24 -0.15
CA LYS B 19 -29.14 5.98 -0.50
C LYS B 19 -28.62 6.03 -1.93
N LEU B 20 -27.44 5.45 -2.14
CA LEU B 20 -26.68 5.54 -3.38
C LEU B 20 -26.51 4.15 -4.00
N SER B 21 -25.92 4.11 -5.20
CA SER B 21 -25.90 2.87 -5.98
C SER B 21 -24.64 2.78 -6.84
N CYS B 22 -24.25 1.54 -7.14
CA CYS B 22 -23.13 1.23 -8.03
C CYS B 22 -23.42 -0.06 -8.79
N THR B 23 -22.81 -0.18 -9.98
CA THR B 23 -22.99 -1.31 -10.89
C THR B 23 -21.93 -1.19 -11.98
N GLY B 24 -21.48 -2.36 -12.51
CA GLY B 24 -20.36 -2.37 -13.43
C GLY B 24 -20.58 -3.32 -14.60
N SER B 25 -19.67 -3.21 -15.58
CA SER B 25 -19.71 -3.97 -16.82
C SER B 25 -18.81 -5.21 -16.78
N GLY B 26 -18.65 -5.81 -15.61
CA GLY B 26 -17.93 -7.06 -15.45
C GLY B 26 -18.38 -7.67 -14.14
N PHE B 27 -18.58 -8.99 -14.11
CA PHE B 27 -19.20 -9.59 -12.94
C PHE B 27 -18.20 -9.69 -11.80
N ASN B 28 -18.13 -10.85 -11.14
CA ASN B 28 -17.35 -11.04 -9.92
C ASN B 28 -17.76 -10.05 -8.84
N ILE B 29 -19.02 -9.61 -8.86
CA ILE B 29 -19.46 -8.55 -7.93
C ILE B 29 -19.39 -9.04 -6.49
N LYS B 30 -20.10 -10.13 -6.19
CA LYS B 30 -19.92 -10.78 -4.90
C LYS B 30 -18.62 -11.56 -4.83
N ASP B 31 -18.00 -11.84 -5.99
CA ASP B 31 -16.68 -12.47 -6.02
C ASP B 31 -15.56 -11.45 -5.87
N THR B 32 -15.73 -10.47 -4.98
CA THR B 32 -14.71 -9.51 -4.63
C THR B 32 -15.19 -8.73 -3.41
N TYR B 33 -14.24 -8.10 -2.73
CA TYR B 33 -14.56 -7.07 -1.75
C TYR B 33 -14.90 -5.77 -2.46
N MET B 34 -15.45 -4.81 -1.71
CA MET B 34 -15.82 -3.54 -2.33
C MET B 34 -16.06 -2.51 -1.23
N HIS B 35 -15.72 -1.25 -1.52
CA HIS B 35 -15.61 -0.21 -0.52
C HIS B 35 -16.40 1.02 -0.91
N TRP B 36 -16.60 1.90 0.08
CA TRP B 36 -17.09 3.26 -0.12
C TRP B 36 -16.18 4.22 0.63
N VAL B 37 -15.86 5.35 0.00
CA VAL B 37 -15.02 6.37 0.63
C VAL B 37 -15.61 7.75 0.38
N LYS B 38 -15.23 8.68 1.25
CA LYS B 38 -15.80 10.03 1.32
C LYS B 38 -14.71 11.06 1.08
N GLN B 39 -14.94 11.98 0.14
CA GLN B 39 -13.96 12.99 -0.21
C GLN B 39 -14.59 14.37 -0.16
N ARG B 40 -14.01 15.24 0.67
CA ARG B 40 -14.33 16.65 0.75
C ARG B 40 -13.03 17.43 0.89
N PRO B 41 -12.91 18.59 0.22
CA PRO B 41 -11.57 19.10 -0.14
C PRO B 41 -10.65 19.40 1.04
N GLU B 42 -11.18 19.92 2.14
CA GLU B 42 -10.30 20.31 3.24
C GLU B 42 -9.87 19.11 4.07
N GLN B 43 -10.83 18.32 4.55
CA GLN B 43 -10.50 17.17 5.40
C GLN B 43 -9.87 16.05 4.59
N GLY B 44 -10.37 15.82 3.38
CA GLY B 44 -9.77 14.85 2.48
C GLY B 44 -10.56 13.56 2.38
N LEU B 45 -9.85 12.50 1.98
CA LEU B 45 -10.47 11.20 1.82
C LEU B 45 -10.63 10.50 3.15
N GLU B 46 -11.79 9.87 3.34
CA GLU B 46 -12.05 9.06 4.52
C GLU B 46 -12.77 7.78 4.12
N TRP B 47 -12.32 6.66 4.69
CA TRP B 47 -12.93 5.35 4.44
C TRP B 47 -14.10 5.15 5.40
N ILE B 48 -15.19 4.58 4.89
CA ILE B 48 -16.38 4.45 5.72
C ILE B 48 -16.74 2.98 5.98
N GLY B 49 -16.44 2.09 5.04
CA GLY B 49 -16.75 0.69 5.27
C GLY B 49 -16.42 -0.20 4.08
N ARG B 50 -16.34 -1.49 4.37
CA ARG B 50 -16.14 -2.54 3.36
C ARG B 50 -17.33 -3.48 3.37
N ILE B 51 -17.88 -3.76 2.19
CA ILE B 51 -18.99 -4.70 2.06
C ILE B 51 -18.43 -6.07 1.69
N ASP B 52 -19.14 -7.11 2.12
CA ASP B 52 -18.83 -8.51 1.83
C ASP B 52 -19.94 -9.12 0.99
N PRO B 53 -20.03 -8.77 -0.30
CA PRO B 53 -21.26 -9.00 -1.07
C PRO B 53 -21.63 -10.47 -1.26
N ALA B 54 -20.74 -11.42 -0.98
CA ALA B 54 -21.18 -12.82 -1.01
C ALA B 54 -22.16 -13.09 0.11
N ASN B 55 -22.03 -12.38 1.22
CA ASN B 55 -23.01 -12.34 2.29
C ASN B 55 -23.31 -10.89 2.63
N GLY B 56 -23.44 -10.54 3.91
CA GLY B 56 -23.81 -9.16 4.21
C GLY B 56 -23.52 -8.61 5.58
N ASN B 57 -22.57 -9.19 6.32
CA ASN B 57 -22.21 -8.67 7.64
C ASN B 57 -20.92 -7.86 7.48
N THR B 58 -21.10 -6.60 7.09
CA THR B 58 -20.03 -5.72 6.67
C THR B 58 -19.25 -5.18 7.86
N LYS B 59 -18.17 -4.46 7.56
CA LYS B 59 -17.36 -3.77 8.56
C LYS B 59 -17.43 -2.27 8.32
N TYR B 60 -17.69 -1.51 9.38
CA TYR B 60 -17.84 -0.07 9.31
C TYR B 60 -16.72 0.61 10.08
N ASP B 61 -16.52 1.88 9.77
CA ASP B 61 -15.67 2.74 10.59
C ASP B 61 -16.45 3.12 11.85
N PRO B 62 -15.87 2.92 13.05
CA PRO B 62 -16.63 3.20 14.28
C PRO B 62 -17.02 4.66 14.47
N LYS B 63 -16.46 5.59 13.69
CA LYS B 63 -16.95 6.96 13.69
C LYS B 63 -18.03 7.19 12.64
N PHE B 64 -18.52 6.12 11.99
CA PHE B 64 -19.60 6.17 11.03
C PHE B 64 -20.76 5.24 11.33
N GLN B 65 -20.58 4.22 12.18
CA GLN B 65 -21.49 3.08 12.20
C GLN B 65 -22.91 3.51 12.51
N GLY B 66 -23.08 4.45 13.43
CA GLY B 66 -24.43 4.91 13.74
C GLY B 66 -25.05 5.83 12.71
N LYS B 67 -24.37 6.05 11.59
CA LYS B 67 -24.82 7.01 10.59
C LYS B 67 -24.67 6.52 9.16
N ALA B 68 -24.04 5.37 8.92
CA ALA B 68 -23.89 4.81 7.59
C ALA B 68 -24.16 3.31 7.63
N THR B 69 -24.86 2.81 6.63
CA THR B 69 -25.26 1.41 6.55
C THR B 69 -25.14 0.92 5.11
N MET B 70 -24.95 -0.40 4.95
CA MET B 70 -24.55 -0.97 3.67
C MET B 70 -25.32 -2.24 3.35
N THR B 71 -25.67 -2.39 2.06
CA THR B 71 -26.34 -3.56 1.51
C THR B 71 -25.94 -3.71 0.04
N ALA B 72 -26.41 -4.79 -0.60
CA ALA B 72 -26.11 -5.03 -2.01
C ALA B 72 -26.98 -6.18 -2.56
N ASP B 73 -26.93 -6.32 -3.88
CA ASP B 73 -27.59 -7.41 -4.60
C ASP B 73 -26.65 -7.93 -5.68
N THR B 74 -26.84 -9.19 -6.05
CA THR B 74 -25.93 -9.89 -6.97
C THR B 74 -26.48 -10.09 -8.36
N SER B 75 -27.65 -10.73 -8.51
CA SER B 75 -28.20 -10.95 -9.84
C SER B 75 -28.46 -9.62 -10.55
N SER B 76 -28.90 -8.61 -9.80
CA SER B 76 -28.80 -7.22 -10.23
C SER B 76 -27.65 -6.60 -9.45
N ASN B 77 -26.65 -6.12 -10.19
CA ASN B 77 -25.32 -5.84 -9.63
C ASN B 77 -25.27 -4.63 -8.68
N THR B 78 -26.42 -4.17 -8.20
CA THR B 78 -26.48 -2.90 -7.48
C THR B 78 -25.98 -3.05 -6.04
N ALA B 79 -24.81 -2.49 -5.76
CA ALA B 79 -24.34 -2.30 -4.39
C ALA B 79 -24.78 -0.92 -3.91
N TYR B 80 -25.32 -0.86 -2.69
CA TYR B 80 -25.88 0.37 -2.18
C TYR B 80 -25.12 0.88 -0.96
N LEU B 81 -25.34 2.16 -0.67
CA LEU B 81 -24.96 2.81 0.58
C LEU B 81 -26.14 3.60 1.08
N GLN B 82 -26.35 3.60 2.40
CA GLN B 82 -27.47 4.32 3.01
C GLN B 82 -26.94 5.08 4.21
N LEU B 83 -27.05 6.41 4.17
CA LEU B 83 -26.54 7.29 5.21
C LEU B 83 -27.60 8.32 5.56
N SER B 84 -27.56 8.82 6.79
CA SER B 84 -28.74 9.40 7.42
C SER B 84 -28.39 10.61 8.26
N SER B 85 -29.45 11.33 8.66
CA SER B 85 -29.37 12.50 9.55
C SER B 85 -28.33 13.50 9.05
N LEU B 86 -28.47 13.89 7.78
CA LEU B 86 -27.46 14.71 7.15
C LEU B 86 -27.36 16.08 7.81
N THR B 87 -26.14 16.54 7.99
CA THR B 87 -25.84 17.95 8.18
C THR B 87 -25.29 18.51 6.87
N SER B 88 -25.10 19.83 6.84
CA SER B 88 -24.36 20.40 5.72
C SER B 88 -22.90 20.00 5.78
N GLU B 89 -22.42 19.55 6.93
CA GLU B 89 -21.08 18.99 7.06
C GLU B 89 -21.00 17.60 6.43
N ASP B 90 -22.11 16.91 6.27
CA ASP B 90 -22.15 15.61 5.58
C ASP B 90 -22.28 15.77 4.08
N THR B 91 -21.61 16.77 3.51
CA THR B 91 -21.52 16.95 2.07
C THR B 91 -20.14 16.53 1.61
N ALA B 92 -20.09 15.73 0.55
CA ALA B 92 -18.82 15.24 0.01
C ALA B 92 -19.13 14.44 -1.24
N VAL B 93 -18.07 14.18 -2.02
CA VAL B 93 -18.14 13.26 -3.13
C VAL B 93 -17.89 11.85 -2.60
N TYR B 94 -18.77 10.92 -2.96
CA TYR B 94 -18.68 9.54 -2.48
C TYR B 94 -18.30 8.64 -3.65
N TYR B 95 -17.20 7.92 -3.48
CA TYR B 95 -16.73 6.94 -4.44
C TYR B 95 -16.95 5.53 -3.90
N CYS B 96 -17.30 4.60 -4.78
CA CYS B 96 -17.29 3.18 -4.48
C CYS B 96 -16.19 2.52 -5.28
N ALA B 97 -15.38 1.68 -4.62
CA ALA B 97 -14.18 1.12 -5.22
C ALA B 97 -14.18 -0.39 -5.12
N ARG B 98 -13.54 -1.03 -6.11
CA ARG B 98 -13.55 -2.48 -6.27
C ARG B 98 -12.14 -2.95 -6.64
N PRO B 99 -11.44 -3.64 -5.73
CA PRO B 99 -10.03 -3.98 -5.99
C PRO B 99 -9.85 -4.96 -7.15
N ASP B 100 -8.69 -4.85 -7.79
CA ASP B 100 -8.21 -5.83 -8.77
C ASP B 100 -6.71 -6.00 -8.57
N GLY B 101 -6.21 -7.16 -8.97
CA GLY B 101 -4.83 -7.54 -8.70
C GLY B 101 -3.82 -7.19 -9.78
N TYR B 102 -4.21 -7.28 -11.05
CA TYR B 102 -3.31 -6.92 -12.14
C TYR B 102 -3.42 -5.43 -12.48
N TYR B 103 -4.62 -4.98 -12.82
CA TYR B 103 -4.87 -3.57 -13.03
C TYR B 103 -4.97 -2.86 -11.68
N GLY B 104 -4.84 -1.54 -11.73
CA GLY B 104 -5.21 -0.75 -10.57
C GLY B 104 -6.69 -0.93 -10.24
N ASP B 105 -7.02 -0.79 -8.96
CA ASP B 105 -8.37 -1.11 -8.53
C ASP B 105 -9.39 -0.18 -9.19
N TYR B 106 -10.59 -0.71 -9.43
CA TYR B 106 -11.62 0.01 -10.18
C TYR B 106 -12.33 1.03 -9.30
N TRP B 107 -12.49 2.24 -9.83
CA TRP B 107 -13.20 3.32 -9.16
C TRP B 107 -14.32 3.80 -10.07
N GLY B 108 -15.38 4.31 -9.46
CA GLY B 108 -16.51 4.79 -10.22
C GLY B 108 -16.49 6.29 -10.41
N GLN B 109 -17.26 6.74 -11.41
CA GLN B 109 -17.49 8.16 -11.58
C GLN B 109 -18.26 8.71 -10.37
N GLY B 110 -17.77 9.80 -9.81
CA GLY B 110 -18.13 10.18 -8.46
C GLY B 110 -19.56 10.67 -8.31
N THR B 111 -20.05 10.55 -7.08
CA THR B 111 -21.38 11.00 -6.69
C THR B 111 -21.24 12.10 -5.65
N THR B 112 -21.79 13.28 -5.94
CA THR B 112 -21.48 14.51 -5.21
C THR B 112 -22.70 14.91 -4.37
N LEU B 113 -22.87 14.26 -3.23
CA LEU B 113 -23.97 14.60 -2.32
C LEU B 113 -23.81 16.01 -1.78
N THR B 114 -24.89 16.79 -1.84
CA THR B 114 -24.93 18.15 -1.33
C THR B 114 -26.14 18.32 -0.43
N VAL B 115 -25.99 19.10 0.63
CA VAL B 115 -27.01 19.24 1.68
C VAL B 115 -27.00 20.69 2.16
N SER B 116 -28.17 21.33 2.14
CA SER B 116 -28.30 22.68 2.66
C SER B 116 -29.79 22.98 2.88
N SER B 117 -30.03 24.09 3.59
CA SER B 117 -31.39 24.52 3.90
C SER B 117 -31.98 25.29 2.72
N ALA B 118 -32.20 24.57 1.63
CA ALA B 118 -32.77 25.14 0.42
C ALA B 118 -33.42 24.03 -0.38
N LYS B 119 -34.15 24.42 -1.42
CA LYS B 119 -34.82 23.44 -2.27
C LYS B 119 -35.06 24.02 -3.66
N THR B 121 -34.30 29.86 -9.11
CA THR B 121 -33.19 30.58 -8.49
C THR B 121 -32.02 30.78 -9.47
N ALA B 122 -32.32 30.72 -10.77
CA ALA B 122 -31.38 31.06 -11.83
C ALA B 122 -30.94 32.51 -11.63
N PRO B 123 -29.67 32.74 -11.32
CA PRO B 123 -29.26 33.99 -10.67
C PRO B 123 -29.10 35.14 -11.66
N SER B 124 -28.78 36.31 -11.11
CA SER B 124 -28.53 37.54 -11.83
C SER B 124 -27.02 37.71 -12.07
N VAL B 125 -26.69 38.53 -13.06
CA VAL B 125 -25.31 38.78 -13.43
C VAL B 125 -25.05 40.29 -13.43
N TYR B 126 -23.83 40.67 -13.06
CA TYR B 126 -23.41 42.06 -12.95
C TYR B 126 -22.07 42.27 -13.64
N PRO B 127 -21.83 43.46 -14.20
CA PRO B 127 -20.58 43.70 -14.91
C PRO B 127 -19.46 44.13 -13.96
N LEU B 128 -18.26 44.23 -14.53
CA LEU B 128 -17.07 44.70 -13.82
C LEU B 128 -16.28 45.57 -14.78
N ALA B 129 -16.33 46.89 -14.60
CA ALA B 129 -15.77 47.83 -15.57
C ALA B 129 -14.80 48.78 -14.90
N PRO B 130 -13.53 48.82 -15.34
CA PRO B 130 -12.56 49.83 -14.84
C PRO B 130 -12.73 51.17 -15.54
N VAL B 131 -13.83 51.87 -15.21
CA VAL B 131 -14.11 53.16 -15.83
C VAL B 131 -13.15 54.26 -15.38
N CYS B 132 -12.36 54.01 -14.33
CA CYS B 132 -11.46 55.04 -13.80
C CYS B 132 -10.44 55.50 -14.85
N GLY B 133 -9.95 54.58 -15.66
CA GLY B 133 -9.13 54.96 -16.80
C GLY B 133 -7.66 55.22 -16.50
N ASP B 134 -7.16 54.77 -15.35
CA ASP B 134 -5.76 54.98 -14.99
C ASP B 134 -4.90 53.91 -15.66
N THR B 135 -4.82 54.01 -16.99
CA THR B 135 -4.23 52.95 -17.81
C THR B 135 -2.72 53.01 -17.89
N THR B 136 -2.11 54.19 -17.72
CA THR B 136 -0.66 54.37 -17.82
C THR B 136 -0.08 53.73 -19.08
N SER B 139 -4.60 46.17 -23.50
CA SER B 139 -3.71 46.39 -22.36
C SER B 139 -4.47 46.29 -21.05
N VAL B 140 -5.75 45.95 -21.12
CA VAL B 140 -6.66 46.06 -19.99
C VAL B 140 -7.28 44.69 -19.69
N THR B 141 -7.54 44.45 -18.41
CA THR B 141 -8.20 43.25 -17.93
C THR B 141 -9.49 43.62 -17.19
N LEU B 142 -10.55 42.88 -17.46
CA LEU B 142 -11.88 43.18 -16.94
C LEU B 142 -12.72 41.91 -16.99
N GLY B 143 -14.00 42.02 -16.66
CA GLY B 143 -14.88 40.85 -16.67
C GLY B 143 -16.29 41.06 -16.13
N CYS B 144 -16.80 40.06 -15.43
CA CYS B 144 -18.16 40.08 -14.89
C CYS B 144 -18.24 39.06 -13.76
N LEU B 145 -19.35 39.11 -13.02
CA LEU B 145 -19.60 38.20 -11.91
C LEU B 145 -21.04 37.72 -11.97
N VAL B 146 -21.30 36.63 -11.24
CA VAL B 146 -22.63 36.03 -11.19
C VAL B 146 -22.99 35.74 -9.73
N LYS B 147 -24.24 36.04 -9.38
CA LYS B 147 -24.79 35.78 -8.06
C LYS B 147 -25.13 34.30 -7.91
N GLY B 148 -25.37 33.90 -6.65
CA GLY B 148 -25.92 32.62 -6.24
C GLY B 148 -25.94 31.42 -7.16
N TYR B 149 -24.78 31.04 -7.70
CA TYR B 149 -24.70 29.84 -8.53
C TYR B 149 -25.02 28.58 -7.74
N PRO B 153 -23.15 25.01 -10.33
CA PRO B 153 -23.55 24.28 -11.54
C PRO B 153 -23.79 25.19 -12.73
N VAL B 154 -23.46 26.48 -12.59
CA VAL B 154 -23.74 27.44 -13.64
C VAL B 154 -22.92 27.11 -14.88
N THR B 155 -23.54 27.30 -16.06
CA THR B 155 -22.91 26.91 -17.32
C THR B 155 -21.90 27.95 -17.80
N LEU B 156 -22.22 29.24 -17.62
CA LEU B 156 -21.38 30.33 -18.09
C LEU B 156 -21.10 30.23 -19.59
N SER B 164 -11.77 32.95 -27.82
CA SER B 164 -12.12 33.25 -26.44
C SER B 164 -10.94 32.97 -25.50
N SER B 165 -9.73 33.28 -25.95
CA SER B 165 -8.54 33.10 -25.14
C SER B 165 -8.29 34.36 -24.31
N GLY B 166 -7.41 34.23 -23.32
CA GLY B 166 -7.18 35.31 -22.38
C GLY B 166 -8.19 35.36 -21.26
N VAL B 167 -8.86 34.25 -20.97
CA VAL B 167 -9.99 34.20 -20.05
C VAL B 167 -9.60 33.35 -18.84
N HIS B 168 -9.82 33.90 -17.65
CA HIS B 168 -9.69 33.15 -16.40
C HIS B 168 -11.02 33.14 -15.69
N THR B 169 -11.50 31.95 -15.35
CA THR B 169 -12.73 31.77 -14.58
C THR B 169 -12.40 31.06 -13.27
N PHE B 170 -13.01 31.54 -12.18
CA PHE B 170 -12.79 31.09 -10.81
C PHE B 170 -13.87 30.11 -10.37
N PRO B 171 -13.55 29.19 -9.48
CA PRO B 171 -14.56 28.25 -8.99
C PRO B 171 -15.51 28.92 -8.01
N ALA B 172 -16.69 28.31 -7.87
CA ALA B 172 -17.73 28.90 -7.05
C ALA B 172 -17.44 28.72 -5.55
N VAL B 173 -17.77 29.76 -4.79
CA VAL B 173 -17.78 29.72 -3.33
C VAL B 173 -19.15 30.23 -2.89
N LEU B 174 -19.75 29.58 -1.91
CA LEU B 174 -21.20 29.68 -1.72
C LEU B 174 -21.60 29.94 -0.27
N GLN B 175 -22.70 30.67 -0.12
CA GLN B 175 -23.36 30.93 1.15
C GLN B 175 -24.84 30.62 0.98
N SER B 176 -25.42 29.92 1.96
CA SER B 176 -26.85 29.63 1.97
C SER B 176 -27.28 28.94 0.67
N ASP B 177 -26.41 28.07 0.15
CA ASP B 177 -26.61 27.39 -1.13
C ASP B 177 -26.83 28.37 -2.27
N LEU B 178 -26.13 29.50 -2.21
CA LEU B 178 -26.08 30.44 -3.32
C LEU B 178 -24.62 30.88 -3.47
N TYR B 179 -24.04 30.65 -4.65
CA TYR B 179 -22.60 30.73 -4.84
C TYR B 179 -22.21 32.01 -5.55
N THR B 180 -21.32 32.78 -4.93
CA THR B 180 -20.69 33.91 -5.59
C THR B 180 -19.50 33.40 -6.41
N LEU B 181 -19.42 33.84 -7.66
CA LEU B 181 -18.30 33.46 -8.52
C LEU B 181 -18.11 34.53 -9.57
N SER B 182 -16.97 34.46 -10.26
CA SER B 182 -16.55 35.53 -11.16
C SER B 182 -15.77 34.97 -12.33
N SER B 183 -15.52 35.84 -13.31
CA SER B 183 -14.75 35.50 -14.49
C SER B 183 -14.07 36.76 -15.01
N SER B 184 -12.96 36.57 -15.72
CA SER B 184 -12.13 37.68 -16.15
C SER B 184 -11.62 37.45 -17.57
N VAL B 185 -11.43 38.55 -18.29
CA VAL B 185 -10.94 38.49 -19.67
C VAL B 185 -9.68 39.34 -19.86
N ILE B 197 -19.81 45.16 -23.74
CA ILE B 197 -19.56 44.02 -22.86
C ILE B 197 -20.11 42.72 -23.44
N THR B 198 -19.69 41.60 -22.86
CA THR B 198 -20.32 40.31 -23.11
C THR B 198 -19.90 39.36 -21.99
N CYS B 199 -20.74 39.27 -20.95
CA CYS B 199 -20.49 38.33 -19.87
C CYS B 199 -20.71 36.89 -20.31
N ASN B 200 -21.28 36.67 -21.50
CA ASN B 200 -21.27 35.34 -22.09
C ASN B 200 -19.86 34.88 -22.42
N VAL B 201 -18.98 35.83 -22.76
CA VAL B 201 -17.59 35.55 -23.14
C VAL B 201 -17.51 34.46 -24.20
N SER B 206 -31.70 23.12 -15.30
CA SER B 206 -30.63 24.09 -15.08
C SER B 206 -31.10 25.51 -15.37
N SER B 207 -30.19 26.46 -15.22
CA SER B 207 -30.52 27.87 -15.34
C SER B 207 -30.61 28.30 -16.79
N THR B 208 -31.21 29.47 -17.01
CA THR B 208 -31.28 30.11 -18.31
C THR B 208 -30.57 31.45 -18.24
N LYS B 209 -29.94 31.85 -19.35
CA LYS B 209 -29.15 33.06 -19.40
C LYS B 209 -29.90 34.30 -18.92
N ASP C 1 -7.24 4.45 16.00
CA ASP C 1 -7.02 4.67 14.57
C ASP C 1 -5.59 5.14 14.30
N ILE C 2 -5.25 5.24 13.01
CA ILE C 2 -3.89 5.55 12.58
C ILE C 2 -3.99 6.61 11.47
N VAL C 3 -3.05 7.54 11.46
CA VAL C 3 -3.04 8.61 10.48
C VAL C 3 -1.66 8.73 9.87
N MET C 4 -1.61 9.20 8.62
CA MET C 4 -0.35 9.44 7.91
C MET C 4 -0.15 10.94 7.74
N THR C 5 0.98 11.44 8.20
CA THR C 5 1.39 12.82 7.97
C THR C 5 2.02 12.92 6.59
N GLN C 6 1.37 13.66 5.70
CA GLN C 6 2.01 14.02 4.44
C GLN C 6 2.72 15.35 4.60
N SER C 7 3.80 15.51 3.83
CA SER C 7 4.76 16.56 4.14
C SER C 7 4.21 17.95 3.80
N GLN C 8 3.53 18.08 2.66
CA GLN C 8 2.90 19.35 2.30
C GLN C 8 1.61 19.07 1.55
N LYS C 9 0.81 20.12 1.37
CA LYS C 9 -0.26 20.11 0.39
C LYS C 9 0.24 20.34 -1.03
N PHE C 10 1.49 20.80 -1.18
CA PHE C 10 1.95 21.35 -2.44
C PHE C 10 3.45 21.14 -2.58
N MET C 11 3.87 20.71 -3.76
CA MET C 11 5.28 20.51 -4.08
C MET C 11 5.59 21.06 -5.46
N SER C 12 6.77 21.66 -5.60
CA SER C 12 7.21 22.26 -6.84
C SER C 12 8.24 21.38 -7.53
N THR C 13 8.13 21.26 -8.85
CA THR C 13 9.00 20.40 -9.63
C THR C 13 9.37 21.09 -10.93
N SER C 14 10.34 20.51 -11.63
CA SER C 14 10.61 20.82 -13.03
C SER C 14 10.15 19.65 -13.89
N VAL C 15 10.12 19.89 -15.20
CA VAL C 15 9.93 18.78 -16.13
C VAL C 15 11.26 18.05 -16.29
N GLY C 16 11.20 16.72 -16.30
CA GLY C 16 12.42 15.94 -16.28
C GLY C 16 13.10 15.89 -14.93
N ASP C 17 12.39 16.24 -13.86
CA ASP C 17 12.96 16.34 -12.53
C ASP C 17 12.76 15.04 -11.75
N ARG C 18 13.29 15.02 -10.53
CA ARG C 18 13.04 13.95 -9.56
C ARG C 18 12.41 14.56 -8.32
N VAL C 19 11.31 13.98 -7.86
CA VAL C 19 10.51 14.53 -6.77
C VAL C 19 10.11 13.38 -5.85
N SER C 20 9.99 13.69 -4.55
CA SER C 20 9.82 12.66 -3.52
C SER C 20 8.82 13.13 -2.46
N VAL C 21 7.55 12.81 -2.65
CA VAL C 21 6.52 13.03 -1.64
C VAL C 21 6.55 11.88 -0.64
N THR C 22 6.24 12.17 0.62
CA THR C 22 6.47 11.23 1.72
C THR C 22 5.24 11.09 2.61
N CYS C 23 5.26 10.05 3.45
CA CYS C 23 4.26 9.80 4.46
C CYS C 23 4.92 9.24 5.72
N LYS C 24 4.42 9.67 6.88
CA LYS C 24 4.89 9.20 8.18
C LYS C 24 3.69 8.79 9.01
N ALA C 25 3.66 7.53 9.43
CA ALA C 25 2.50 6.97 10.09
C ALA C 25 2.64 7.02 11.62
N SER C 26 1.49 6.90 12.29
CA SER C 26 1.46 6.98 13.74
C SER C 26 2.10 5.79 14.42
N GLN C 27 2.21 4.66 13.73
CA GLN C 27 2.69 3.44 14.35
C GLN C 27 3.22 2.51 13.25
N ASN C 28 3.78 1.38 13.67
CA ASN C 28 4.36 0.45 12.72
C ASN C 28 3.26 -0.17 11.87
N VAL C 29 3.28 0.10 10.56
CA VAL C 29 2.29 -0.43 9.64
C VAL C 29 2.91 -1.44 8.68
N GLY C 30 4.07 -2.00 9.05
CA GLY C 30 4.70 -3.02 8.22
C GLY C 30 5.07 -2.47 6.86
N THR C 31 4.66 -3.19 5.82
CA THR C 31 4.86 -2.79 4.43
C THR C 31 3.55 -2.40 3.75
N ASN C 32 2.54 -2.03 4.54
CA ASN C 32 1.17 -2.00 4.07
C ASN C 32 0.68 -0.59 3.77
N VAL C 33 1.37 0.09 2.85
CA VAL C 33 1.00 1.42 2.39
C VAL C 33 0.79 1.37 0.89
N ALA C 34 -0.24 2.06 0.40
CA ALA C 34 -0.51 2.15 -1.03
C ALA C 34 -0.57 3.62 -1.44
N TRP C 35 -0.16 3.90 -2.68
CA TRP C 35 -0.08 5.25 -3.20
C TRP C 35 -1.08 5.44 -4.33
N TYR C 36 -1.78 6.57 -4.32
CA TYR C 36 -2.83 6.85 -5.30
C TYR C 36 -2.57 8.19 -5.98
N GLN C 37 -3.22 8.37 -7.13
CA GLN C 37 -3.12 9.56 -7.95
C GLN C 37 -4.50 10.04 -8.33
N GLN C 38 -4.70 11.35 -8.33
CA GLN C 38 -5.99 11.92 -8.71
C GLN C 38 -5.75 13.26 -9.40
N LYS C 39 -6.21 13.37 -10.64
CA LYS C 39 -6.20 14.62 -11.38
C LYS C 39 -7.57 15.30 -11.28
N PRO C 40 -7.61 16.64 -11.33
CA PRO C 40 -8.86 17.36 -11.09
C PRO C 40 -10.00 16.87 -11.98
N GLY C 41 -11.17 16.66 -11.37
CA GLY C 41 -12.33 16.15 -12.06
C GLY C 41 -12.41 14.65 -12.17
N GLN C 42 -11.34 13.94 -11.85
CA GLN C 42 -11.27 12.49 -12.02
C GLN C 42 -11.50 11.75 -10.71
N SER C 43 -11.69 10.44 -10.84
CA SER C 43 -11.63 9.51 -9.75
C SER C 43 -10.17 9.12 -9.49
N PRO C 44 -9.86 8.60 -8.31
CA PRO C 44 -8.46 8.25 -8.01
C PRO C 44 -7.97 7.05 -8.80
N LYS C 45 -6.65 6.97 -8.94
CA LYS C 45 -5.96 5.86 -9.58
C LYS C 45 -4.91 5.30 -8.64
N ALA C 46 -4.87 3.98 -8.53
CA ALA C 46 -3.87 3.31 -7.71
C ALA C 46 -2.56 3.20 -8.49
N LEU C 47 -1.45 3.53 -7.82
CA LEU C 47 -0.12 3.47 -8.41
C LEU C 47 0.71 2.32 -7.89
N ILE C 48 0.68 2.08 -6.58
CA ILE C 48 1.58 1.13 -5.93
C ILE C 48 0.83 0.52 -4.76
N TYR C 49 0.82 -0.82 -4.67
CA TYR C 49 -0.03 -1.50 -3.70
C TYR C 49 0.68 -1.89 -2.42
N SER C 50 1.82 -2.60 -2.49
CA SER C 50 2.65 -2.71 -1.30
C SER C 50 3.45 -1.41 -1.19
N ALA C 51 4.53 -1.39 -0.42
CA ALA C 51 5.29 -0.15 -0.32
C ALA C 51 6.08 0.14 -1.58
N SER C 52 6.32 -0.86 -2.42
CA SER C 52 7.22 -0.72 -3.56
C SER C 52 6.71 -1.32 -4.87
N TYR C 53 5.56 -1.99 -4.89
CA TYR C 53 5.14 -2.79 -6.03
C TYR C 53 4.22 -1.98 -6.95
N ARG C 54 4.46 -2.09 -8.26
CA ARG C 54 3.69 -1.32 -9.22
C ARG C 54 2.51 -2.12 -9.76
N TYR C 55 1.42 -1.41 -10.07
CA TYR C 55 0.32 -1.99 -10.82
C TYR C 55 0.62 -1.95 -12.31
N SER C 56 -0.27 -2.54 -13.09
CA SER C 56 -0.15 -2.50 -14.54
C SER C 56 -0.44 -1.09 -15.05
N GLY C 57 0.30 -0.70 -16.08
CA GLY C 57 0.11 0.62 -16.67
C GLY C 57 0.77 1.75 -15.91
N VAL C 58 1.68 1.44 -15.00
CA VAL C 58 2.38 2.44 -14.20
C VAL C 58 3.81 2.55 -14.70
N PRO C 59 4.28 3.74 -15.06
CA PRO C 59 5.63 3.87 -15.62
C PRO C 59 6.72 3.54 -14.61
N ASP C 60 7.89 3.16 -15.13
CA ASP C 60 9.06 2.98 -14.29
C ASP C 60 9.53 4.28 -13.66
N ARG C 61 8.92 5.42 -14.03
CA ARG C 61 9.20 6.67 -13.35
C ARG C 61 8.85 6.58 -11.88
N PHE C 62 7.80 5.84 -11.54
CA PHE C 62 7.28 5.77 -10.20
C PHE C 62 7.94 4.62 -9.43
N THR C 63 8.47 4.93 -8.26
CA THR C 63 8.96 3.91 -7.34
C THR C 63 8.49 4.25 -5.93
N GLY C 64 8.16 3.22 -5.17
CA GLY C 64 7.82 3.38 -3.77
C GLY C 64 8.86 2.77 -2.87
N SER C 65 8.96 3.25 -1.64
CA SER C 65 9.99 2.78 -0.73
C SER C 65 9.58 3.09 0.70
N GLY C 66 10.24 2.40 1.63
CA GLY C 66 9.99 2.59 3.04
C GLY C 66 9.52 1.30 3.72
N SER C 67 9.50 1.36 5.04
CA SER C 67 9.06 0.24 5.85
C SER C 67 8.69 0.75 7.23
N GLY C 68 7.75 0.05 7.86
CA GLY C 68 7.37 0.39 9.22
C GLY C 68 6.64 1.71 9.37
N THR C 69 7.34 2.83 9.18
CA THR C 69 6.77 4.11 9.59
C THR C 69 7.03 5.25 8.62
N ASP C 70 8.14 5.27 7.88
CA ASP C 70 8.51 6.36 7.00
C ASP C 70 8.52 5.85 5.57
N PHE C 71 7.71 6.47 4.71
CA PHE C 71 7.48 5.99 3.35
C PHE C 71 7.64 7.12 2.34
N THR C 72 8.01 6.75 1.11
CA THR C 72 8.31 7.73 0.07
C THR C 72 7.84 7.23 -1.29
N LEU C 73 7.23 8.13 -2.07
CA LEU C 73 6.93 7.91 -3.48
C LEU C 73 7.81 8.83 -4.31
N THR C 74 8.60 8.25 -5.20
CA THR C 74 9.55 8.98 -6.03
C THR C 74 9.17 8.90 -7.49
N ILE C 75 9.10 10.06 -8.15
CA ILE C 75 8.91 10.14 -9.59
C ILE C 75 10.21 10.69 -10.19
N SER C 76 10.76 9.96 -11.16
CA SER C 76 11.99 10.36 -11.84
C SER C 76 11.69 10.67 -13.30
N ASN C 77 12.39 11.67 -13.84
CA ASN C 77 12.11 12.19 -15.18
C ASN C 77 10.63 12.56 -15.31
N VAL C 78 10.18 13.40 -14.39
CA VAL C 78 8.78 13.81 -14.28
C VAL C 78 8.27 14.31 -15.62
N GLN C 79 7.18 13.71 -16.09
CA GLN C 79 6.53 14.12 -17.33
C GLN C 79 5.41 15.10 -17.04
N SER C 80 4.97 15.77 -18.11
CA SER C 80 3.85 16.72 -17.99
C SER C 80 2.55 16.01 -17.63
N GLU C 81 2.51 14.68 -17.68
CA GLU C 81 1.34 13.92 -17.27
C GLU C 81 1.22 13.77 -15.76
N ASP C 82 2.29 14.05 -15.01
CA ASP C 82 2.39 13.69 -13.60
C ASP C 82 2.10 14.86 -12.66
N LEU C 83 1.28 15.82 -13.09
CA LEU C 83 0.89 16.95 -12.24
C LEU C 83 -0.50 16.62 -11.69
N ALA C 84 -0.53 16.01 -10.50
CA ALA C 84 -1.77 15.50 -9.95
C ALA C 84 -1.71 15.51 -8.43
N GLU C 85 -2.81 15.09 -7.80
CA GLU C 85 -2.85 14.86 -6.36
C GLU C 85 -2.33 13.46 -6.05
N TYR C 86 -1.53 13.36 -5.00
CA TYR C 86 -0.96 12.08 -4.59
C TYR C 86 -1.25 11.82 -3.12
N PHE C 87 -1.94 10.72 -2.85
CA PHE C 87 -2.29 10.28 -1.52
C PHE C 87 -1.55 8.99 -1.19
N CYS C 88 -1.35 8.75 0.10
CA CYS C 88 -0.94 7.44 0.59
C CYS C 88 -2.04 6.89 1.48
N GLN C 89 -2.11 5.56 1.56
CA GLN C 89 -3.21 4.87 2.19
C GLN C 89 -2.70 3.66 2.96
N GLN C 90 -3.22 3.46 4.16
CA GLN C 90 -2.88 2.26 4.91
C GLN C 90 -3.92 1.18 4.66
N TYR C 91 -3.47 -0.07 4.78
CA TYR C 91 -4.37 -1.21 4.86
C TYR C 91 -3.84 -2.25 5.85
N ASN C 92 -3.02 -1.80 6.81
CA ASN C 92 -2.55 -2.67 7.88
C ASN C 92 -3.66 -2.96 8.88
N SER C 93 -4.52 -1.97 9.15
CA SER C 93 -5.50 -2.10 10.22
C SER C 93 -6.83 -1.48 9.80
N PHE C 94 -7.88 -1.83 10.55
CA PHE C 94 -9.19 -1.20 10.46
C PHE C 94 -9.30 -0.12 11.53
N PRO C 95 -9.77 1.08 11.19
CA PRO C 95 -10.21 1.53 9.86
C PRO C 95 -9.04 1.85 8.92
N LEU C 96 -9.29 1.82 7.62
CA LEU C 96 -8.30 2.22 6.63
C LEU C 96 -8.30 3.74 6.50
N THR C 97 -7.10 4.32 6.43
CA THR C 97 -6.98 5.77 6.48
C THR C 97 -6.02 6.26 5.40
N PHE C 98 -6.20 7.51 5.01
CA PHE C 98 -5.43 8.18 3.97
C PHE C 98 -4.58 9.30 4.55
N GLY C 99 -3.90 10.01 3.65
CA GLY C 99 -3.29 11.28 3.96
C GLY C 99 -4.16 12.43 3.51
N ALA C 100 -3.56 13.62 3.42
CA ALA C 100 -4.31 14.81 3.07
C ALA C 100 -4.29 15.13 1.58
N GLY C 101 -3.29 14.66 0.84
CA GLY C 101 -3.23 14.92 -0.58
C GLY C 101 -2.21 15.99 -0.96
N THR C 102 -1.33 15.66 -1.89
CA THR C 102 -0.25 16.54 -2.30
C THR C 102 -0.36 16.81 -3.80
N LYS C 103 -0.49 18.09 -4.15
CA LYS C 103 -0.52 18.51 -5.54
C LYS C 103 0.90 18.87 -5.99
N LEU C 104 1.17 18.63 -7.27
CA LEU C 104 2.47 18.89 -7.86
C LEU C 104 2.35 19.99 -8.92
N GLU C 105 3.41 20.77 -9.06
CA GLU C 105 3.38 21.93 -9.95
C GLU C 105 4.75 22.19 -10.55
N LEU C 106 4.74 22.71 -11.77
CA LEU C 106 5.94 23.18 -12.44
C LEU C 106 6.43 24.46 -11.76
N LYS C 107 7.66 24.44 -11.27
CA LYS C 107 8.28 25.66 -10.76
C LYS C 107 8.56 26.61 -11.92
N ARG C 108 8.63 27.91 -11.59
CA ARG C 108 8.79 28.92 -12.62
C ARG C 108 9.44 30.16 -12.00
N ALA C 109 9.88 31.06 -12.87
CA ALA C 109 10.41 32.34 -12.40
C ALA C 109 9.28 33.17 -11.80
N ASP C 110 9.52 33.66 -10.58
CA ASP C 110 8.48 34.41 -9.88
C ASP C 110 8.06 35.63 -10.69
N ALA C 111 6.75 35.84 -10.78
CA ALA C 111 6.18 36.93 -11.56
C ALA C 111 5.07 37.60 -10.77
N ALA C 112 5.06 38.93 -10.80
CA ALA C 112 4.05 39.69 -10.08
C ALA C 112 2.69 39.50 -10.73
N PRO C 113 1.62 39.69 -9.98
CA PRO C 113 0.27 39.56 -10.55
C PRO C 113 -0.15 40.81 -11.30
N THR C 114 -1.30 40.71 -11.95
CA THR C 114 -2.00 41.84 -12.54
C THR C 114 -3.23 42.11 -11.70
N VAL C 115 -3.34 43.32 -11.15
CA VAL C 115 -4.34 43.65 -10.15
C VAL C 115 -5.38 44.59 -10.74
N SER C 116 -6.64 44.33 -10.44
CA SER C 116 -7.75 45.19 -10.84
C SER C 116 -8.71 45.36 -9.67
N ILE C 117 -9.42 46.48 -9.69
CA ILE C 117 -10.53 46.72 -8.77
C ILE C 117 -11.70 47.27 -9.57
N PHE C 118 -12.91 46.98 -9.11
CA PHE C 118 -14.09 47.45 -9.80
C PHE C 118 -15.08 48.04 -8.80
N PRO C 119 -15.78 49.11 -9.17
CA PRO C 119 -16.76 49.71 -8.28
C PRO C 119 -18.05 48.89 -8.28
N PRO C 120 -19.02 49.24 -7.46
CA PRO C 120 -20.36 48.69 -7.64
C PRO C 120 -20.96 49.14 -8.96
N SER C 121 -22.02 48.45 -9.39
CA SER C 121 -22.66 48.74 -10.65
C SER C 121 -24.11 49.15 -10.43
N SER C 122 -24.62 49.97 -11.36
CA SER C 122 -25.98 50.48 -11.23
C SER C 122 -27.01 49.36 -11.22
N GLU C 123 -26.72 48.26 -11.92
CA GLU C 123 -27.61 47.10 -11.89
C GLU C 123 -27.65 46.51 -10.48
N GLN C 124 -26.48 46.34 -9.88
CA GLN C 124 -26.36 45.83 -8.52
C GLN C 124 -27.03 46.78 -7.52
N LEU C 125 -26.91 48.09 -7.74
CA LEU C 125 -27.61 49.05 -6.89
C LEU C 125 -29.11 49.01 -7.13
N THR C 126 -29.52 48.76 -8.38
CA THR C 126 -30.95 48.68 -8.69
C THR C 126 -31.62 47.58 -7.88
N SER C 127 -30.93 46.45 -7.70
CA SER C 127 -31.46 45.34 -6.92
C SER C 127 -31.40 45.61 -5.41
N GLY C 128 -30.83 46.73 -4.99
CA GLY C 128 -30.82 47.10 -3.59
C GLY C 128 -29.59 46.74 -2.80
N GLY C 129 -28.49 46.37 -3.47
CA GLY C 129 -27.29 45.95 -2.78
C GLY C 129 -26.05 46.60 -3.36
N ALA C 130 -24.90 46.24 -2.77
CA ALA C 130 -23.61 46.77 -3.18
C ALA C 130 -22.53 45.73 -2.93
N SER C 131 -21.55 45.67 -3.84
CA SER C 131 -20.48 44.69 -3.71
C SER C 131 -19.28 45.14 -4.55
N VAL C 132 -18.08 44.90 -4.01
CA VAL C 132 -16.83 45.33 -4.62
C VAL C 132 -15.95 44.11 -4.86
N VAL C 133 -15.18 44.13 -5.94
CA VAL C 133 -14.36 43.01 -6.36
C VAL C 133 -12.92 43.47 -6.59
N CYS C 134 -11.97 42.64 -6.20
CA CYS C 134 -10.55 42.84 -6.50
C CYS C 134 -10.02 41.60 -7.20
N PHE C 135 -9.46 41.77 -8.38
CA PHE C 135 -8.79 40.69 -9.11
C PHE C 135 -7.29 40.71 -8.83
N LEU C 136 -6.72 39.53 -8.65
CA LEU C 136 -5.26 39.34 -8.54
C LEU C 136 -4.94 38.17 -9.48
N ASN C 137 -4.65 38.48 -10.72
CA ASN C 137 -4.51 37.50 -11.79
C ASN C 137 -3.05 37.31 -12.17
N ASN C 138 -2.76 36.15 -12.76
CA ASN C 138 -1.43 35.80 -13.29
C ASN C 138 -0.36 35.82 -12.21
N PHE C 139 -0.74 35.57 -10.96
CA PHE C 139 0.24 35.46 -9.88
C PHE C 139 1.07 34.19 -10.05
N TYR C 140 2.38 34.34 -9.96
CA TYR C 140 3.30 33.22 -10.06
C TYR C 140 3.77 32.68 -8.70
N PRO C 141 3.63 33.40 -7.59
CA PRO C 141 3.81 32.75 -6.29
C PRO C 141 2.50 32.29 -5.69
N LYS C 142 2.59 31.20 -4.92
CA LYS C 142 1.40 30.63 -4.31
C LYS C 142 1.01 31.35 -3.02
N ASP C 143 1.96 31.48 -2.09
CA ASP C 143 1.62 32.06 -0.79
C ASP C 143 1.40 33.56 -0.88
N ILE C 144 0.36 33.94 -1.63
CA ILE C 144 -0.19 35.30 -1.68
C ILE C 144 -1.05 35.54 -0.45
N ASN C 145 -1.11 36.80 -0.01
CA ASN C 145 -2.04 37.19 1.06
C ASN C 145 -2.81 38.42 0.63
N VAL C 146 -4.13 38.41 0.89
CA VAL C 146 -5.03 39.48 0.46
C VAL C 146 -6.06 39.73 1.55
N LYS C 147 -6.14 40.96 2.03
CA LYS C 147 -7.24 41.40 2.90
C LYS C 147 -7.36 42.92 2.90
N GLN C 156 -10.62 44.70 7.56
CA GLN C 156 -11.89 44.45 8.21
C GLN C 156 -12.54 43.18 7.66
N ASN C 157 -13.68 42.80 8.22
CA ASN C 157 -14.32 41.53 7.91
C ASN C 157 -15.29 41.67 6.74
N GLY C 158 -15.90 40.55 6.36
CA GLY C 158 -16.80 40.49 5.23
C GLY C 158 -16.20 39.90 3.98
N VAL C 159 -14.93 39.52 4.00
CA VAL C 159 -14.21 39.13 2.80
C VAL C 159 -14.56 37.69 2.44
N LEU C 160 -14.62 37.41 1.13
CA LEU C 160 -14.72 36.05 0.61
C LEU C 160 -13.86 35.94 -0.64
N ASN C 161 -13.19 34.80 -0.80
CA ASN C 161 -12.15 34.64 -1.79
C ASN C 161 -12.35 33.36 -2.59
N SER C 162 -11.72 33.31 -3.77
CA SER C 162 -11.77 32.14 -4.63
C SER C 162 -10.51 32.11 -5.50
N TRP C 163 -10.03 30.89 -5.80
CA TRP C 163 -8.73 30.69 -6.42
C TRP C 163 -8.85 29.71 -7.59
N THR C 164 -8.15 30.01 -8.68
CA THR C 164 -7.95 29.00 -9.72
C THR C 164 -6.81 28.08 -9.34
N ASP C 165 -6.76 26.92 -10.00
CA ASP C 165 -5.57 26.10 -9.96
C ASP C 165 -4.60 26.50 -11.07
N GLN C 166 -3.42 25.92 -11.05
CA GLN C 166 -2.34 26.35 -11.92
C GLN C 166 -2.68 26.09 -13.38
N ASP C 167 -2.40 27.08 -14.22
CA ASP C 167 -2.63 26.97 -15.66
C ASP C 167 -1.66 25.98 -16.29
N ASP C 170 4.04 29.07 -18.28
CA ASP C 170 2.70 29.62 -18.48
C ASP C 170 1.77 29.35 -17.30
N SER C 171 2.26 28.55 -16.36
CA SER C 171 1.42 27.99 -15.29
C SER C 171 1.25 28.97 -14.12
N THR C 172 0.76 30.17 -14.40
CA THR C 172 0.51 31.12 -13.33
C THR C 172 -0.80 30.81 -12.63
N TYR C 173 -0.97 31.40 -11.44
CA TYR C 173 -2.21 31.32 -10.70
C TYR C 173 -3.13 32.48 -11.07
N SER C 174 -4.27 32.56 -10.39
CA SER C 174 -5.13 33.74 -10.41
C SER C 174 -6.06 33.64 -9.21
N MET C 175 -6.59 34.78 -8.79
CA MET C 175 -7.38 34.84 -7.57
C MET C 175 -8.43 35.93 -7.69
N SER C 176 -9.57 35.70 -7.03
CA SER C 176 -10.64 36.69 -6.93
C SER C 176 -10.93 36.95 -5.45
N SER C 177 -11.30 38.20 -5.15
CA SER C 177 -11.58 38.63 -3.79
C SER C 177 -12.75 39.61 -3.84
N THR C 178 -13.58 39.60 -2.80
CA THR C 178 -14.88 40.25 -2.89
C THR C 178 -15.34 40.78 -1.54
N LEU C 179 -16.04 41.92 -1.59
CA LEU C 179 -16.76 42.49 -0.46
C LEU C 179 -18.24 42.60 -0.84
N THR C 180 -19.11 42.41 0.15
CA THR C 180 -20.56 42.49 -0.06
C THR C 180 -21.20 43.28 1.07
N LEU C 181 -22.19 44.11 0.73
CA LEU C 181 -22.69 45.09 1.68
C LEU C 181 -24.03 45.64 1.18
N THR C 182 -24.70 46.39 2.06
CA THR C 182 -25.90 47.14 1.72
C THR C 182 -25.52 48.51 1.17
N LYS C 183 -26.45 49.13 0.44
CA LYS C 183 -26.18 50.44 -0.16
C LYS C 183 -25.92 51.49 0.91
N ASP C 184 -26.81 51.58 1.91
CA ASP C 184 -26.63 52.57 2.95
C ASP C 184 -25.42 52.25 3.82
N GLU C 185 -25.06 50.97 3.95
CA GLU C 185 -23.84 50.62 4.67
C GLU C 185 -22.60 50.98 3.85
N TYR C 186 -22.67 50.79 2.53
CA TYR C 186 -21.54 51.14 1.67
C TYR C 186 -21.27 52.65 1.69
N GLU C 187 -22.33 53.45 1.71
CA GLU C 187 -22.19 54.89 1.82
C GLU C 187 -22.04 55.37 3.26
N ARG C 188 -22.07 54.45 4.23
CA ARG C 188 -21.79 54.83 5.62
C ARG C 188 -20.31 55.06 5.84
N HIS C 189 -19.44 54.43 5.04
CA HIS C 189 -18.01 54.47 5.28
C HIS C 189 -17.29 54.29 3.95
N ASN C 190 -16.86 55.40 3.35
CA ASN C 190 -16.06 55.37 2.13
C ASN C 190 -14.57 55.55 2.40
N SER C 191 -14.18 55.73 3.67
CA SER C 191 -12.78 56.01 4.01
C SER C 191 -11.92 54.75 4.07
N TYR C 192 -12.51 53.57 3.89
CA TYR C 192 -11.71 52.37 3.61
C TYR C 192 -12.22 51.72 2.33
N GLU C 195 -4.49 43.01 0.42
CA GLU C 195 -3.13 43.17 0.89
C GLU C 195 -2.13 42.94 -0.26
N ALA C 196 -2.52 42.05 -1.18
CA ALA C 196 -1.84 41.89 -2.47
C ALA C 196 -0.33 41.77 -2.32
N THR C 197 0.10 40.93 -1.37
CA THR C 197 1.50 40.82 -1.00
C THR C 197 2.04 39.44 -1.33
N HIS C 198 3.23 39.41 -1.93
CA HIS C 198 3.92 38.17 -2.26
C HIS C 198 5.39 38.31 -1.91
N LYS C 199 6.14 37.22 -2.10
CA LYS C 199 7.58 37.27 -1.92
C LYS C 199 8.26 38.14 -2.95
N THR C 200 7.57 38.46 -4.05
CA THR C 200 8.10 39.42 -5.02
C THR C 200 7.95 40.86 -4.55
N SER C 201 7.14 41.10 -3.52
CA SER C 201 6.84 42.45 -3.08
C SER C 201 7.86 42.93 -2.06
N THR C 202 8.01 44.25 -1.99
CA THR C 202 8.59 44.89 -0.82
C THR C 202 7.54 45.28 0.19
N SER C 203 6.34 45.62 -0.28
CA SER C 203 5.28 46.15 0.55
C SER C 203 3.97 46.05 -0.21
N PRO C 204 2.82 46.15 0.48
CA PRO C 204 1.53 45.91 -0.18
C PRO C 204 1.17 46.99 -1.20
N ILE C 205 0.50 46.55 -2.27
CA ILE C 205 -0.01 47.44 -3.32
C ILE C 205 -1.38 46.96 -3.79
N VAL C 206 -2.44 47.61 -3.33
CA VAL C 206 -3.81 47.30 -3.74
C VAL C 206 -4.37 48.51 -4.47
N LYS C 207 -4.98 48.28 -5.63
CA LYS C 207 -5.65 49.34 -6.36
C LYS C 207 -6.94 49.76 -5.67
N PHE C 209 -12.31 53.51 -0.42
CA PHE C 209 -11.83 53.84 -1.76
C PHE C 209 -12.61 55.02 -2.31
N ASN C 210 -12.06 55.68 -3.33
CA ASN C 210 -12.71 56.84 -3.91
C ASN C 210 -14.02 56.45 -4.58
N ARG C 211 -15.09 57.20 -4.26
CA ARG C 211 -16.41 56.94 -4.81
C ARG C 211 -16.89 58.05 -5.73
N ASN C 212 -16.18 59.17 -5.81
CA ASN C 212 -16.64 60.32 -6.59
C ASN C 212 -15.46 61.00 -7.26
#